data_5JXR
#
_entry.id   5JXR
#
_cell.length_a   127.767
_cell.length_b   127.767
_cell.length_c   106.666
_cell.angle_alpha   90.00
_cell.angle_beta   90.00
_cell.angle_gamma   120.00
#
_symmetry.space_group_name_H-M   'P 31'
#
loop_
_entity.id
_entity.type
_entity.pdbx_description
1 polymer 'Chromatin-remodeling complex ATPase-like protein'
2 non-polymer 'CHLORIDE ION'
3 water water
#
_entity_poly.entity_id   1
_entity_poly.type   'polypeptide(L)'
_entity_poly.pdbx_seq_one_letter_code
;HDRLGESKEDDTLRRFRYLLGLTDLFRHFIETNPNPKIREIMKEIDRQNEEEARQRKRGGRQGGATSERRRRTEAEEDAE
LLKDEKDGGSAETVFRESPPFIQGTMRDYQIAGLNWLISLHENGISGILADEMGLGKTLQTIAFLGYLRHIMGITGPHLV
TVPKSTLDNWKREFEKWTPEVNVLVLQGAKEERHQLINDRLVDENFDVCITSYEMILREKAHLKKFAWEYIIIDEAHRIK
NEESSLAQVIRMFNSRNRLLITGTPLQNNLHELWALLNFLLPDVFGDSEAFDQWFSGQDRDQDTVVQQLHRVLRPFLLRR
VKSDVEKSLLPKKEINVYIGMSEMQVKWYQKILEKDIDAVNGAGGKRESKTRLLNIVMQLRKCCNHPYLFEGAEPGPPYT
TDEHLIYNAGKMVVLDKLLKRIQKQGSRVLIFSQMSRLLDILEDYCVFRGYKYCRIDGSTAHEDRIAAIDEYNKPGSDKF
IFLLTTRAGGLGINLTTADIVILYDSDWNPQADLQAMDRAHRIGQTKQVVVYRFVTDNAIEEKVLERAAQKLRLDQLVIQ
QGRAQVAAKAAANKDELLSMIQHGAEKVFQTKGAFGTMAEKGSQLDDDDIDAILQAGETRTKELNARYEKLGIDDLQKFT
SESAYEWNGEDFAARKKDIGINWINPAKRERKEQIYSIDKYYKQTFNAGGRAAEAKPKAPRAPKQVPVHDYQFYPPRLRE
LQD
;
_entity_poly.pdbx_strand_id   A,B
#
loop_
_chem_comp.id
_chem_comp.type
_chem_comp.name
_chem_comp.formula
CL non-polymer 'CHLORIDE ION' 'Cl -1'
#
# COMPACT_ATOMS: atom_id res chain seq x y z
N SER A 7 5.36 2.65 -19.66
CA SER A 7 5.97 2.83 -20.98
C SER A 7 5.34 1.92 -22.02
N LYS A 8 4.51 2.48 -22.88
CA LYS A 8 3.79 1.70 -23.90
C LYS A 8 4.73 1.16 -24.98
N GLU A 9 5.90 1.75 -25.12
CA GLU A 9 6.87 1.29 -26.11
C GLU A 9 7.60 0.04 -25.64
N ASP A 10 7.70 -0.14 -24.33
CA ASP A 10 8.29 -1.34 -23.76
C ASP A 10 7.20 -2.40 -23.59
N ASP A 11 5.96 -1.93 -23.47
CA ASP A 11 4.80 -2.83 -23.47
C ASP A 11 4.72 -3.59 -24.78
N THR A 12 4.85 -2.86 -25.89
CA THR A 12 4.79 -3.46 -27.21
C THR A 12 5.88 -4.51 -27.38
N LEU A 13 7.10 -4.14 -27.01
CA LEU A 13 8.24 -5.02 -27.13
C LEU A 13 8.03 -6.32 -26.33
N ARG A 14 7.61 -6.17 -25.07
CA ARG A 14 7.34 -7.32 -24.22
C ARG A 14 6.22 -8.19 -24.76
N ARG A 15 5.25 -7.54 -25.39
CA ARG A 15 4.13 -8.22 -26.01
C ARG A 15 4.60 -8.98 -27.25
N PHE A 16 5.26 -8.27 -28.16
CA PHE A 16 5.75 -8.88 -29.39
C PHE A 16 6.67 -10.05 -29.11
N ARG A 17 7.54 -9.90 -28.12
CA ARG A 17 8.46 -10.96 -27.76
C ARG A 17 7.74 -12.21 -27.26
N TYR A 18 6.63 -12.00 -26.56
CA TYR A 18 5.78 -13.09 -26.09
C TYR A 18 5.06 -13.81 -27.23
N LEU A 19 4.67 -13.06 -28.26
CA LEU A 19 3.86 -13.59 -29.35
C LEU A 19 4.68 -14.47 -30.31
N LEU A 20 5.94 -14.13 -30.49
CA LEU A 20 6.79 -14.79 -31.47
C LEU A 20 7.01 -16.28 -31.22
N GLY A 21 6.73 -16.75 -30.02
CA GLY A 21 6.86 -18.16 -29.68
C GLY A 21 5.60 -18.97 -29.94
N LEU A 22 4.51 -18.27 -30.29
CA LEU A 22 3.22 -18.93 -30.51
C LEU A 22 2.97 -19.22 -31.98
N THR A 23 3.73 -20.16 -32.54
CA THR A 23 3.80 -20.40 -33.98
C THR A 23 4.24 -19.13 -34.70
N ASP A 24 4.20 -19.14 -36.03
CA ASP A 24 4.61 -17.97 -36.82
C ASP A 24 3.42 -17.09 -37.16
N LEU A 25 2.24 -17.49 -36.69
CA LEU A 25 1.01 -16.76 -36.99
C LEU A 25 1.13 -15.26 -36.66
N PHE A 26 1.57 -14.96 -35.44
CA PHE A 26 1.71 -13.57 -35.01
C PHE A 26 2.86 -12.85 -35.71
N ARG A 27 4.00 -13.53 -35.83
CA ARG A 27 5.13 -13.00 -36.59
C ARG A 27 4.71 -12.54 -37.98
N HIS A 28 3.89 -13.34 -38.64
CA HIS A 28 3.41 -13.00 -39.98
C HIS A 28 2.58 -11.73 -40.00
N PHE A 29 1.62 -11.61 -39.09
CA PHE A 29 0.77 -10.42 -39.04
C PHE A 29 1.52 -9.17 -38.57
N ILE A 30 2.66 -9.36 -37.91
CA ILE A 30 3.48 -8.23 -37.50
C ILE A 30 4.46 -7.84 -38.59
N GLU A 31 5.19 -8.82 -39.12
CA GLU A 31 6.13 -8.61 -40.23
C GLU A 31 5.49 -7.87 -41.39
N THR A 32 4.27 -8.27 -41.72
CA THR A 32 3.56 -7.73 -42.87
C THR A 32 2.48 -6.74 -42.46
N ASN A 33 2.62 -6.18 -41.26
CA ASN A 33 1.62 -5.25 -40.75
C ASN A 33 1.57 -3.97 -41.57
N PRO A 34 0.35 -3.50 -41.87
CA PRO A 34 0.10 -2.24 -42.57
C PRO A 34 0.77 -1.04 -41.90
N ASN A 35 0.77 -1.03 -40.58
CA ASN A 35 1.41 0.04 -39.81
C ASN A 35 2.92 -0.07 -39.90
N PRO A 36 3.57 0.99 -40.42
CA PRO A 36 5.03 1.07 -40.53
C PRO A 36 5.71 0.99 -39.17
N LYS A 37 5.15 1.66 -38.17
CA LYS A 37 5.73 1.67 -36.81
C LYS A 37 5.82 0.26 -36.25
N ILE A 38 4.84 -0.57 -36.56
CA ILE A 38 4.81 -1.96 -36.11
C ILE A 38 5.93 -2.76 -36.77
N ARG A 39 6.15 -2.51 -38.06
CA ARG A 39 7.23 -3.14 -38.79
C ARG A 39 8.59 -2.82 -38.19
N GLU A 40 8.81 -1.55 -37.85
CA GLU A 40 10.08 -1.07 -37.30
C GLU A 40 10.54 -1.85 -36.08
N ILE A 41 9.63 -2.02 -35.12
CA ILE A 41 9.93 -2.74 -33.89
C ILE A 41 10.31 -4.20 -34.19
N MET A 42 9.60 -4.81 -35.13
CA MET A 42 9.86 -6.18 -35.52
C MET A 42 11.21 -6.30 -36.24
N LYS A 43 11.52 -5.31 -37.08
CA LYS A 43 12.83 -5.26 -37.73
C LYS A 43 13.93 -5.17 -36.68
N GLU A 44 13.68 -4.38 -35.64
CA GLU A 44 14.63 -4.18 -34.56
C GLU A 44 14.94 -5.46 -33.79
N ILE A 45 13.92 -6.25 -33.48
CA ILE A 45 14.15 -7.47 -32.73
C ILE A 45 14.79 -8.51 -33.65
N ASP A 46 14.52 -8.38 -34.95
CA ASP A 46 15.13 -9.25 -35.96
C ASP A 46 16.63 -9.02 -36.07
N ARG A 47 17.02 -7.76 -36.28
CA ARG A 47 18.44 -7.45 -36.44
C ARG A 47 19.20 -7.75 -35.16
N GLN A 48 18.53 -7.59 -34.02
CA GLN A 48 19.12 -7.96 -32.75
C GLN A 48 19.33 -9.46 -32.67
N ASN A 49 18.34 -10.22 -33.16
CA ASN A 49 18.46 -11.68 -33.22
C ASN A 49 19.51 -12.12 -34.23
N GLU A 50 19.71 -11.32 -35.26
CA GLU A 50 20.74 -11.61 -36.26
C GLU A 50 22.12 -11.51 -35.63
N GLU A 51 22.37 -10.41 -34.93
CA GLU A 51 23.66 -10.17 -34.30
C GLU A 51 23.99 -11.23 -33.25
N GLU A 52 23.02 -11.59 -32.44
CA GLU A 52 23.24 -12.62 -31.41
C GLU A 52 23.56 -13.96 -32.05
N ALA A 53 22.96 -14.24 -33.20
CA ALA A 53 23.23 -15.49 -33.91
C ALA A 53 24.65 -15.51 -34.47
N ARG A 54 25.16 -14.35 -34.86
CA ARG A 54 26.52 -14.24 -35.36
C ARG A 54 27.55 -14.60 -34.29
N GLN A 55 27.26 -14.21 -33.06
CA GLN A 55 28.18 -14.41 -31.94
C GLN A 55 27.86 -15.67 -31.11
N ARG A 56 27.41 -16.73 -31.78
CA ARG A 56 27.07 -17.98 -31.10
C ARG A 56 27.45 -19.23 -31.92
N LYS A 57 27.57 -20.36 -31.23
CA LYS A 57 27.91 -21.64 -31.84
C LYS A 57 26.77 -22.65 -31.63
N ARG A 58 26.82 -23.80 -32.32
CA ARG A 58 25.68 -24.73 -32.38
C ARG A 58 25.76 -26.02 -31.55
N GLY A 59 26.80 -26.16 -30.73
CA GLY A 59 26.92 -27.32 -29.85
C GLY A 59 28.10 -28.23 -30.17
N GLY A 60 29.13 -28.13 -29.33
CA GLY A 60 30.37 -28.88 -29.52
C GLY A 60 30.38 -30.40 -29.39
N ARG A 61 29.70 -30.91 -28.38
CA ARG A 61 29.93 -32.29 -27.91
C ARG A 61 29.62 -33.40 -28.93
N GLN A 62 30.54 -34.35 -29.04
CA GLN A 62 30.41 -35.42 -30.03
C GLN A 62 29.24 -36.37 -29.75
N GLY A 63 29.01 -36.69 -28.48
CA GLY A 63 27.87 -37.50 -28.07
C GLY A 63 26.59 -36.68 -28.12
N GLY A 64 26.75 -35.42 -28.53
CA GLY A 64 25.84 -34.32 -28.24
C GLY A 64 24.53 -34.21 -28.98
N ALA A 65 23.74 -33.23 -28.56
CA ALA A 65 22.49 -32.87 -29.21
C ALA A 65 22.78 -32.39 -30.61
N THR A 66 21.89 -32.71 -31.54
CA THR A 66 22.14 -32.40 -32.94
C THR A 66 21.36 -31.16 -33.35
N SER A 67 20.59 -30.61 -32.41
CA SER A 67 19.57 -29.61 -32.75
C SER A 67 20.18 -28.31 -33.24
N GLU A 68 19.33 -27.44 -33.78
CA GLU A 68 19.78 -26.26 -34.51
C GLU A 68 19.81 -24.95 -33.74
N ARG A 69 19.49 -24.98 -32.45
CA ARG A 69 19.48 -23.71 -31.73
C ARG A 69 20.92 -23.33 -31.45
N ARG A 70 21.16 -22.06 -31.24
CA ARG A 70 22.52 -21.61 -31.04
C ARG A 70 22.82 -21.32 -29.57
N ARG A 71 23.85 -22.00 -29.07
CA ARG A 71 24.23 -21.90 -27.67
C ARG A 71 24.97 -20.59 -27.43
N ARG A 72 24.79 -20.04 -26.23
CA ARG A 72 25.32 -18.73 -25.92
C ARG A 72 26.76 -18.80 -25.44
N THR A 73 27.48 -17.70 -25.64
CA THR A 73 28.84 -17.54 -25.14
C THR A 73 28.84 -17.52 -23.61
N GLU A 74 29.93 -17.98 -23.01
CA GLU A 74 30.08 -17.85 -21.56
C GLU A 74 30.00 -16.38 -21.17
N ALA A 75 30.64 -15.53 -21.97
CA ALA A 75 30.65 -14.10 -21.74
C ALA A 75 29.25 -13.48 -21.84
N GLU A 76 28.50 -13.93 -22.84
CA GLU A 76 27.17 -13.40 -23.13
C GLU A 76 26.20 -13.69 -21.98
N GLU A 77 26.23 -14.91 -21.47
CA GLU A 77 25.35 -15.32 -20.38
C GLU A 77 25.81 -14.76 -19.04
N ASP A 78 27.12 -14.62 -18.86
CA ASP A 78 27.67 -13.97 -17.67
C ASP A 78 27.12 -12.55 -17.55
N ALA A 79 27.08 -11.83 -18.66
CA ALA A 79 26.56 -10.45 -18.66
C ALA A 79 25.09 -10.41 -18.29
N GLU A 80 24.34 -11.43 -18.67
CA GLU A 80 22.91 -11.48 -18.37
C GLU A 80 22.66 -11.85 -16.91
N LEU A 81 23.40 -12.83 -16.40
CA LEU A 81 23.28 -13.23 -15.01
C LEU A 81 23.66 -12.09 -14.08
N LEU A 82 24.70 -11.36 -14.44
CA LEU A 82 25.18 -10.23 -13.68
C LEU A 82 24.10 -9.15 -13.63
N LYS A 83 23.63 -8.75 -14.80
CA LYS A 83 22.57 -7.75 -14.92
C LYS A 83 21.33 -8.16 -14.13
N ASP A 84 21.01 -9.44 -14.16
CA ASP A 84 19.87 -9.98 -13.43
C ASP A 84 20.11 -9.95 -11.92
N GLU A 85 21.35 -10.21 -11.51
CA GLU A 85 21.71 -10.17 -10.10
C GLU A 85 21.59 -8.77 -9.50
N LYS A 86 21.86 -7.76 -10.33
CA LYS A 86 21.71 -6.37 -9.89
C LYS A 86 20.26 -5.99 -9.62
N ASP A 87 19.32 -6.83 -10.05
CA ASP A 87 17.89 -6.52 -9.92
C ASP A 87 17.13 -7.54 -9.08
N GLY A 88 17.84 -8.29 -8.24
CA GLY A 88 17.22 -9.21 -7.31
C GLY A 88 16.46 -10.38 -7.92
N GLY A 89 16.66 -10.60 -9.22
CA GLY A 89 16.00 -11.69 -9.91
C GLY A 89 14.80 -11.22 -10.71
N SER A 90 13.92 -12.15 -11.06
CA SER A 90 12.71 -11.83 -11.81
C SER A 90 11.80 -10.92 -11.00
N ALA A 91 10.89 -10.24 -11.68
CA ALA A 91 9.98 -9.32 -11.00
C ALA A 91 8.66 -9.99 -10.65
N GLU A 92 8.56 -11.30 -10.91
CA GLU A 92 7.30 -12.01 -10.83
C GLU A 92 6.61 -11.97 -9.45
N THR A 93 5.31 -11.78 -9.47
CA THR A 93 4.48 -11.82 -8.29
C THR A 93 3.58 -13.06 -8.32
N VAL A 94 3.64 -13.87 -7.28
CA VAL A 94 2.77 -15.04 -7.19
C VAL A 94 2.21 -15.15 -5.77
N PHE A 95 0.89 -15.11 -5.66
CA PHE A 95 0.25 -15.25 -4.35
C PHE A 95 0.12 -16.71 -3.96
N ARG A 96 0.52 -17.02 -2.73
CA ARG A 96 0.36 -18.35 -2.16
C ARG A 96 -0.95 -18.43 -1.39
N GLU A 97 -1.50 -17.27 -1.04
CA GLU A 97 -2.74 -17.23 -0.29
C GLU A 97 -3.56 -16.04 -0.71
N SER A 98 -4.79 -15.98 -0.21
CA SER A 98 -5.69 -14.87 -0.50
C SER A 98 -5.02 -13.58 0.00
N PRO A 99 -4.90 -12.58 -0.88
CA PRO A 99 -4.18 -11.35 -0.55
C PRO A 99 -4.83 -10.53 0.56
N PRO A 100 -4.00 -9.84 1.37
CA PRO A 100 -4.49 -9.05 2.51
C PRO A 100 -5.40 -7.91 2.09
N PHE A 101 -5.25 -7.41 0.87
CA PHE A 101 -6.13 -6.34 0.39
C PHE A 101 -7.51 -6.82 -0.03
N ILE A 102 -7.69 -8.14 -0.13
CA ILE A 102 -9.03 -8.66 -0.37
C ILE A 102 -9.73 -8.88 0.96
N GLN A 103 -10.82 -8.17 1.18
CA GLN A 103 -11.51 -8.28 2.46
C GLN A 103 -12.46 -9.45 2.44
N GLY A 104 -11.87 -10.64 2.53
CA GLY A 104 -12.58 -11.89 2.34
C GLY A 104 -11.55 -12.96 2.00
N THR A 105 -12.03 -14.13 1.59
CA THR A 105 -11.14 -15.23 1.27
C THR A 105 -11.39 -15.78 -0.12
N MET A 106 -10.32 -15.91 -0.88
CA MET A 106 -10.42 -16.50 -2.21
C MET A 106 -10.15 -18.00 -2.13
N ARG A 107 -10.85 -18.77 -2.93
CA ARG A 107 -10.58 -20.19 -3.10
C ARG A 107 -9.25 -20.39 -3.82
N ASP A 108 -8.67 -21.58 -3.67
CA ASP A 108 -7.43 -21.93 -4.36
C ASP A 108 -7.46 -21.64 -5.86
N TYR A 109 -8.56 -22.00 -6.50
CA TYR A 109 -8.68 -21.83 -7.94
C TYR A 109 -8.84 -20.37 -8.32
N GLN A 110 -9.31 -19.56 -7.37
CA GLN A 110 -9.41 -18.12 -7.58
C GLN A 110 -8.06 -17.43 -7.41
N ILE A 111 -7.27 -17.93 -6.48
CA ILE A 111 -5.89 -17.47 -6.30
C ILE A 111 -5.08 -17.77 -7.56
N ALA A 112 -5.32 -18.95 -8.14
CA ALA A 112 -4.68 -19.34 -9.40
C ALA A 112 -5.12 -18.46 -10.56
N GLY A 113 -6.41 -18.16 -10.62
CA GLY A 113 -6.92 -17.21 -11.59
C GLY A 113 -6.26 -15.85 -11.46
N LEU A 114 -6.14 -15.38 -10.22
CA LEU A 114 -5.46 -14.12 -9.95
C LEU A 114 -4.03 -14.16 -10.47
N ASN A 115 -3.30 -15.23 -10.14
CA ASN A 115 -1.91 -15.34 -10.54
C ASN A 115 -1.74 -15.42 -12.06
N TRP A 116 -2.76 -15.96 -12.72
CA TRP A 116 -2.77 -16.04 -14.17
C TRP A 116 -2.97 -14.66 -14.77
N LEU A 117 -3.92 -13.92 -14.23
CA LEU A 117 -4.17 -12.54 -14.66
C LEU A 117 -2.94 -11.66 -14.46
N ILE A 118 -2.26 -11.87 -13.33
CA ILE A 118 -1.03 -11.14 -13.05
C ILE A 118 0.01 -11.45 -14.11
N SER A 119 0.15 -12.73 -14.43
CA SER A 119 1.09 -13.21 -15.43
C SER A 119 0.87 -12.57 -16.80
N LEU A 120 -0.40 -12.43 -17.20
CA LEU A 120 -0.73 -11.72 -18.43
C LEU A 120 -0.22 -10.29 -18.36
N HIS A 121 -0.49 -9.63 -17.25
CA HIS A 121 -0.12 -8.23 -17.11
C HIS A 121 1.39 -8.03 -17.18
N GLU A 122 2.15 -8.95 -16.61
CA GLU A 122 3.60 -8.79 -16.64
C GLU A 122 4.21 -9.15 -17.99
N ASN A 123 3.43 -9.83 -18.83
CA ASN A 123 3.86 -10.10 -20.19
C ASN A 123 3.27 -9.10 -21.17
N GLY A 124 2.53 -8.13 -20.65
CA GLY A 124 1.99 -7.06 -21.46
C GLY A 124 0.84 -7.46 -22.37
N ILE A 125 0.18 -8.56 -22.04
CA ILE A 125 -0.91 -9.03 -22.88
C ILE A 125 -2.29 -8.96 -22.21
N SER A 126 -3.31 -8.80 -23.04
CA SER A 126 -4.69 -8.82 -22.60
C SER A 126 -5.17 -10.27 -22.53
N GLY A 127 -6.32 -10.50 -21.91
CA GLY A 127 -6.78 -11.85 -21.73
C GLY A 127 -8.29 -12.05 -21.65
N ILE A 128 -8.69 -13.32 -21.63
CA ILE A 128 -10.10 -13.68 -21.55
C ILE A 128 -10.31 -14.60 -20.35
N LEU A 129 -11.11 -14.14 -19.39
CA LEU A 129 -11.47 -14.99 -18.26
C LEU A 129 -12.81 -15.64 -18.57
N ALA A 130 -12.78 -16.93 -18.87
CA ALA A 130 -13.95 -17.63 -19.39
C ALA A 130 -14.45 -18.74 -18.47
N ASP A 131 -14.20 -18.62 -17.17
CA ASP A 131 -14.70 -19.59 -16.19
C ASP A 131 -16.22 -19.72 -16.29
N GLU A 132 -16.72 -20.92 -16.01
CA GLU A 132 -18.15 -21.17 -15.94
C GLU A 132 -18.80 -20.27 -14.88
N MET A 133 -20.02 -19.83 -15.15
CA MET A 133 -20.79 -19.01 -14.21
C MET A 133 -20.84 -19.66 -12.83
N GLY A 134 -20.54 -18.87 -11.81
CA GLY A 134 -20.53 -19.36 -10.43
C GLY A 134 -19.15 -19.56 -9.84
N LEU A 135 -18.10 -19.37 -10.64
CA LEU A 135 -16.74 -19.55 -10.16
C LEU A 135 -16.14 -18.23 -9.65
N GLY A 136 -16.96 -17.20 -9.54
CA GLY A 136 -16.54 -15.93 -8.98
C GLY A 136 -15.55 -15.18 -9.83
N LYS A 137 -15.89 -14.95 -11.10
CA LYS A 137 -15.02 -14.21 -12.01
C LYS A 137 -14.90 -12.74 -11.57
N THR A 138 -15.93 -12.25 -10.91
CA THR A 138 -15.98 -10.87 -10.44
C THR A 138 -14.94 -10.64 -9.36
N LEU A 139 -14.86 -11.57 -8.40
CA LEU A 139 -13.89 -11.50 -7.31
C LEU A 139 -12.47 -11.61 -7.85
N GLN A 140 -12.27 -12.51 -8.81
CA GLN A 140 -10.96 -12.70 -9.42
C GLN A 140 -10.49 -11.43 -10.12
N THR A 141 -11.40 -10.81 -10.86
CA THR A 141 -11.09 -9.59 -11.57
C THR A 141 -10.77 -8.47 -10.58
N ILE A 142 -11.59 -8.36 -9.54
CA ILE A 142 -11.41 -7.33 -8.53
C ILE A 142 -10.09 -7.51 -7.78
N ALA A 143 -9.74 -8.76 -7.47
CA ALA A 143 -8.46 -9.07 -6.84
C ALA A 143 -7.31 -8.63 -7.73
N PHE A 144 -7.45 -8.83 -9.03
CA PHE A 144 -6.40 -8.45 -9.98
C PHE A 144 -6.19 -6.93 -10.00
N LEU A 145 -7.29 -6.18 -10.08
CA LEU A 145 -7.21 -4.73 -9.99
C LEU A 145 -6.62 -4.30 -8.65
N GLY A 146 -6.92 -5.05 -7.59
CA GLY A 146 -6.31 -4.82 -6.28
C GLY A 146 -4.80 -5.04 -6.29
N TYR A 147 -4.37 -6.05 -7.04
CA TYR A 147 -2.95 -6.29 -7.24
C TYR A 147 -2.28 -5.12 -7.95
N LEU A 148 -2.97 -4.55 -8.93
CA LEU A 148 -2.45 -3.40 -9.64
C LEU A 148 -2.25 -2.23 -8.68
N ARG A 149 -3.23 -2.02 -7.81
CA ARG A 149 -3.18 -0.93 -6.85
C ARG A 149 -2.09 -1.14 -5.79
N HIS A 150 -2.19 -2.23 -5.04
CA HIS A 150 -1.35 -2.41 -3.85
C HIS A 150 0.08 -2.88 -4.11
N ILE A 151 0.32 -3.49 -5.27
CA ILE A 151 1.66 -3.99 -5.58
C ILE A 151 2.35 -3.17 -6.68
N MET A 152 1.59 -2.75 -7.68
CA MET A 152 2.18 -2.09 -8.84
C MET A 152 2.01 -0.56 -8.79
N GLY A 153 1.27 -0.08 -7.80
CA GLY A 153 1.02 1.34 -7.67
C GLY A 153 0.16 1.93 -8.78
N ILE A 154 -0.73 1.12 -9.34
CA ILE A 154 -1.63 1.58 -10.39
C ILE A 154 -3.07 1.57 -9.90
N THR A 155 -3.66 2.75 -9.74
CA THR A 155 -5.00 2.87 -9.15
C THR A 155 -6.12 2.92 -10.20
N GLY A 156 -5.75 3.21 -11.44
CA GLY A 156 -6.73 3.42 -12.48
C GLY A 156 -6.20 4.44 -13.48
N PRO A 157 -7.09 5.04 -14.29
CA PRO A 157 -8.53 4.76 -14.30
C PRO A 157 -8.83 3.48 -15.05
N HIS A 158 -9.80 2.71 -14.55
CA HIS A 158 -10.23 1.49 -15.20
C HIS A 158 -11.68 1.67 -15.65
N LEU A 159 -12.02 1.05 -16.78
CA LEU A 159 -13.39 1.08 -17.27
C LEU A 159 -13.99 -0.32 -17.30
N VAL A 160 -15.10 -0.50 -16.61
CA VAL A 160 -15.79 -1.78 -16.55
C VAL A 160 -17.19 -1.64 -17.13
N THR A 161 -17.42 -2.28 -18.27
CA THR A 161 -18.73 -2.21 -18.93
C THR A 161 -19.51 -3.51 -18.78
N VAL A 162 -20.75 -3.39 -18.31
CA VAL A 162 -21.54 -4.55 -17.93
C VAL A 162 -23.01 -4.43 -18.37
N PRO A 163 -23.74 -5.55 -18.40
CA PRO A 163 -25.18 -5.45 -18.65
C PRO A 163 -25.87 -4.78 -17.46
N LYS A 164 -26.97 -4.08 -17.73
CA LYS A 164 -27.64 -3.30 -16.69
C LYS A 164 -28.03 -4.11 -15.47
N SER A 165 -28.36 -5.38 -15.68
CA SER A 165 -28.78 -6.26 -14.59
C SER A 165 -27.67 -6.50 -13.57
N THR A 166 -26.43 -6.55 -14.05
CA THR A 166 -25.29 -6.90 -13.21
C THR A 166 -24.66 -5.68 -12.52
N LEU A 167 -25.15 -4.49 -12.85
CA LEU A 167 -24.59 -3.24 -12.33
C LEU A 167 -24.49 -3.20 -10.82
N ASP A 168 -25.57 -3.57 -10.14
CA ASP A 168 -25.60 -3.54 -8.69
C ASP A 168 -24.62 -4.53 -8.08
N ASN A 169 -24.50 -5.70 -8.69
CA ASN A 169 -23.59 -6.71 -8.17
C ASN A 169 -22.14 -6.26 -8.20
N TRP A 170 -21.69 -5.75 -9.34
CA TRP A 170 -20.34 -5.22 -9.49
C TRP A 170 -20.05 -4.12 -8.47
N LYS A 171 -21.03 -3.26 -8.26
CA LYS A 171 -20.92 -2.16 -7.31
C LYS A 171 -20.71 -2.67 -5.89
N ARG A 172 -21.51 -3.66 -5.50
CA ARG A 172 -21.42 -4.24 -4.16
C ARG A 172 -20.13 -5.00 -3.93
N GLU A 173 -19.67 -5.73 -4.95
CA GLU A 173 -18.50 -6.57 -4.80
C GLU A 173 -17.22 -5.75 -4.64
N PHE A 174 -17.11 -4.69 -5.44
CA PHE A 174 -16.04 -3.72 -5.26
C PHE A 174 -16.09 -3.19 -3.83
N GLU A 175 -17.30 -2.83 -3.40
CA GLU A 175 -17.50 -2.29 -2.06
C GLU A 175 -17.15 -3.29 -0.97
N LYS A 176 -17.48 -4.56 -1.20
CA LYS A 176 -17.17 -5.60 -0.24
C LYS A 176 -15.69 -5.99 -0.22
N TRP A 177 -15.14 -6.38 -1.37
CA TRP A 177 -13.78 -6.93 -1.39
C TRP A 177 -12.69 -5.88 -1.21
N THR A 178 -12.86 -4.71 -1.85
CA THR A 178 -11.86 -3.65 -1.79
C THR A 178 -12.51 -2.27 -1.66
N PRO A 179 -12.97 -1.91 -0.46
CA PRO A 179 -13.69 -0.66 -0.18
C PRO A 179 -12.88 0.61 -0.52
N GLU A 180 -11.56 0.54 -0.43
CA GLU A 180 -10.72 1.69 -0.73
C GLU A 180 -10.80 2.15 -2.18
N VAL A 181 -11.31 1.28 -3.06
CA VAL A 181 -11.40 1.61 -4.47
C VAL A 181 -12.57 2.55 -4.73
N ASN A 182 -12.24 3.72 -5.28
CA ASN A 182 -13.23 4.74 -5.59
C ASN A 182 -14.01 4.38 -6.86
N VAL A 183 -15.25 3.94 -6.68
CA VAL A 183 -16.08 3.49 -7.80
C VAL A 183 -17.13 4.51 -8.22
N LEU A 184 -17.18 4.77 -9.53
CA LEU A 184 -18.19 5.64 -10.12
C LEU A 184 -19.11 4.83 -11.02
N VAL A 185 -20.40 4.84 -10.71
CA VAL A 185 -21.37 4.13 -11.53
C VAL A 185 -22.16 5.10 -12.40
N LEU A 186 -22.20 4.82 -13.70
CA LEU A 186 -22.92 5.68 -14.65
C LEU A 186 -24.32 5.14 -14.93
N GLN A 187 -25.33 5.83 -14.40
CA GLN A 187 -26.72 5.45 -14.59
C GLN A 187 -27.65 6.66 -14.57
N GLY A 188 -28.93 6.43 -14.86
CA GLY A 188 -29.95 7.46 -14.75
C GLY A 188 -30.31 8.16 -16.05
N ALA A 189 -31.12 9.21 -15.92
CA ALA A 189 -31.54 10.01 -17.07
C ALA A 189 -30.49 11.07 -17.40
N LYS A 190 -30.80 11.95 -18.34
CA LYS A 190 -29.86 12.98 -18.77
C LYS A 190 -29.54 14.00 -17.69
N GLU A 191 -30.42 14.14 -16.71
CA GLU A 191 -30.19 15.07 -15.61
C GLU A 191 -29.53 14.41 -14.40
N GLU A 192 -29.69 13.10 -14.29
CA GLU A 192 -29.04 12.36 -13.21
C GLU A 192 -27.55 12.17 -13.50
N ARG A 193 -27.18 12.33 -14.76
CA ARG A 193 -25.79 12.15 -15.17
C ARG A 193 -24.93 13.39 -14.93
N HIS A 194 -25.41 14.55 -15.37
CA HIS A 194 -24.63 15.79 -15.25
C HIS A 194 -24.30 16.13 -13.80
N GLN A 195 -25.10 15.62 -12.87
CA GLN A 195 -24.83 15.79 -11.45
C GLN A 195 -23.59 15.00 -11.03
N LEU A 196 -23.41 13.85 -11.67
CA LEU A 196 -22.24 13.01 -11.41
C LEU A 196 -21.02 13.47 -12.20
N ILE A 197 -21.21 13.71 -13.50
CA ILE A 197 -20.10 14.06 -14.40
C ILE A 197 -19.27 15.25 -13.93
N ASN A 198 -19.93 16.33 -13.53
CA ASN A 198 -19.24 17.54 -13.10
C ASN A 198 -18.31 17.33 -11.92
N ASP A 199 -18.81 16.67 -10.88
CA ASP A 199 -18.02 16.47 -9.67
C ASP A 199 -17.19 15.18 -9.74
N ARG A 200 -17.54 14.29 -10.67
CA ARG A 200 -16.87 12.99 -10.72
C ARG A 200 -16.26 12.61 -12.08
N LEU A 201 -17.10 12.32 -13.06
CA LEU A 201 -16.63 11.75 -14.33
C LEU A 201 -15.62 12.62 -15.08
N VAL A 202 -16.01 13.85 -15.44
CA VAL A 202 -15.12 14.73 -16.19
C VAL A 202 -13.92 15.16 -15.33
N ASP A 203 -14.07 15.04 -14.02
CA ASP A 203 -13.03 15.45 -13.08
C ASP A 203 -12.01 14.32 -12.83
N GLU A 204 -12.32 13.13 -13.32
CA GLU A 204 -11.56 11.92 -13.01
C GLU A 204 -11.51 11.67 -11.49
N ASN A 205 -12.67 11.87 -10.87
CA ASN A 205 -12.83 11.62 -9.45
C ASN A 205 -13.29 10.18 -9.23
N PHE A 206 -12.49 9.24 -9.73
CA PHE A 206 -12.79 7.83 -9.62
C PHE A 206 -11.54 7.00 -9.95
N ASP A 207 -11.53 5.75 -9.48
CA ASP A 207 -10.49 4.80 -9.84
C ASP A 207 -11.06 3.88 -10.91
N VAL A 208 -12.30 3.46 -10.68
CA VAL A 208 -12.99 2.55 -11.57
C VAL A 208 -14.32 3.15 -12.01
N CYS A 209 -14.61 3.08 -13.30
CA CYS A 209 -15.90 3.51 -13.81
C CYS A 209 -16.72 2.31 -14.29
N ILE A 210 -17.78 1.99 -13.56
CA ILE A 210 -18.69 0.93 -13.99
C ILE A 210 -19.83 1.51 -14.82
N THR A 211 -20.04 0.94 -16.00
CA THR A 211 -20.98 1.48 -16.96
C THR A 211 -21.83 0.38 -17.58
N SER A 212 -23.08 0.68 -17.87
CA SER A 212 -23.91 -0.23 -18.64
C SER A 212 -23.50 -0.15 -20.10
N TYR A 213 -23.90 -1.13 -20.91
CA TYR A 213 -23.66 -1.08 -22.34
C TYR A 213 -24.28 0.18 -22.95
N GLU A 214 -25.49 0.49 -22.50
CA GLU A 214 -26.23 1.67 -22.96
C GLU A 214 -25.44 2.96 -22.75
N MET A 215 -25.08 3.22 -21.49
CA MET A 215 -24.45 4.48 -21.11
C MET A 215 -23.07 4.66 -21.74
N ILE A 216 -22.52 3.59 -22.32
CA ILE A 216 -21.25 3.68 -23.04
C ILE A 216 -21.43 4.56 -24.27
N LEU A 217 -22.54 4.37 -24.99
CA LEU A 217 -22.82 5.15 -26.18
C LEU A 217 -23.16 6.60 -25.85
N ARG A 218 -24.09 6.78 -24.90
CA ARG A 218 -24.58 8.11 -24.57
C ARG A 218 -23.55 9.00 -23.87
N GLU A 219 -22.43 8.41 -23.46
CA GLU A 219 -21.39 9.18 -22.78
C GLU A 219 -19.99 8.95 -23.38
N LYS A 220 -19.95 8.35 -24.57
CA LYS A 220 -18.70 8.02 -25.23
C LYS A 220 -17.78 9.22 -25.40
N ALA A 221 -18.37 10.41 -25.57
CA ALA A 221 -17.61 11.63 -25.77
C ALA A 221 -16.76 11.95 -24.56
N HIS A 222 -17.31 11.71 -23.37
CA HIS A 222 -16.59 11.98 -22.13
C HIS A 222 -15.63 10.83 -21.79
N LEU A 223 -16.04 9.61 -22.13
CA LEU A 223 -15.24 8.44 -21.83
C LEU A 223 -13.97 8.38 -22.68
N LYS A 224 -14.02 8.95 -23.88
CA LYS A 224 -12.88 8.92 -24.80
C LYS A 224 -11.72 9.81 -24.35
N LYS A 225 -11.99 10.70 -23.41
CA LYS A 225 -10.97 11.66 -22.97
C LYS A 225 -9.88 11.02 -22.11
N PHE A 226 -10.17 9.85 -21.54
CA PHE A 226 -9.25 9.21 -20.60
C PHE A 226 -8.32 8.18 -21.22
N ALA A 227 -7.09 8.16 -20.73
CA ALA A 227 -6.15 7.11 -21.04
C ALA A 227 -6.35 5.98 -20.04
N TRP A 228 -7.22 5.04 -20.39
CA TRP A 228 -7.58 3.93 -19.51
C TRP A 228 -6.43 2.94 -19.30
N GLU A 229 -6.30 2.45 -18.08
CA GLU A 229 -5.39 1.35 -17.81
C GLU A 229 -6.00 0.06 -18.32
N TYR A 230 -7.07 -0.39 -17.67
CA TYR A 230 -7.81 -1.55 -18.13
C TYR A 230 -9.20 -1.17 -18.58
N ILE A 231 -9.61 -1.73 -19.72
CA ILE A 231 -11.02 -1.77 -20.07
C ILE A 231 -11.47 -3.20 -19.93
N ILE A 232 -12.48 -3.41 -19.10
CA ILE A 232 -12.98 -4.74 -18.82
C ILE A 232 -14.41 -4.86 -19.34
N ILE A 233 -14.66 -5.86 -20.18
CA ILE A 233 -15.99 -6.10 -20.70
C ILE A 233 -16.57 -7.39 -20.13
N ASP A 234 -17.69 -7.27 -19.43
CA ASP A 234 -18.36 -8.42 -18.84
C ASP A 234 -19.41 -8.95 -19.82
N GLU A 235 -19.29 -10.23 -20.16
CA GLU A 235 -20.17 -10.89 -21.13
C GLU A 235 -20.08 -10.28 -22.52
N ALA A 236 -19.17 -10.82 -23.33
CA ALA A 236 -19.10 -10.48 -24.75
C ALA A 236 -18.34 -11.57 -25.51
N SER A 245 -22.71 -3.37 -31.64
CA SER A 245 -21.95 -2.13 -31.76
C SER A 245 -21.07 -1.89 -30.53
N LEU A 246 -20.88 -2.93 -29.73
CA LEU A 246 -20.09 -2.83 -28.50
C LEU A 246 -18.60 -2.68 -28.81
N ALA A 247 -18.09 -3.54 -29.67
CA ALA A 247 -16.66 -3.52 -30.02
C ALA A 247 -16.29 -2.31 -30.86
N GLN A 248 -17.26 -1.74 -31.56
CA GLN A 248 -17.01 -0.57 -32.41
C GLN A 248 -16.60 0.63 -31.59
N VAL A 249 -17.28 0.83 -30.47
CA VAL A 249 -17.00 1.97 -29.60
C VAL A 249 -15.76 1.70 -28.73
N ILE A 250 -15.64 0.47 -28.26
CA ILE A 250 -14.48 0.09 -27.45
C ILE A 250 -13.19 0.23 -28.23
N ARG A 251 -13.23 -0.15 -29.50
CA ARG A 251 -12.08 -0.02 -30.40
C ARG A 251 -11.58 1.42 -30.44
N MET A 252 -12.50 2.37 -30.32
CA MET A 252 -12.16 3.79 -30.36
C MET A 252 -11.85 4.34 -28.96
N PHE A 253 -11.45 3.46 -28.05
CA PHE A 253 -11.04 3.88 -26.71
C PHE A 253 -9.54 3.66 -26.53
N ASN A 254 -8.92 4.49 -25.71
CA ASN A 254 -7.51 4.33 -25.38
C ASN A 254 -7.35 3.50 -24.12
N SER A 255 -6.70 2.35 -24.25
CA SER A 255 -6.49 1.46 -23.11
C SER A 255 -5.15 0.75 -23.19
N ARG A 256 -4.48 0.63 -22.05
CA ARG A 256 -3.21 -0.07 -22.00
C ARG A 256 -3.38 -1.58 -22.08
N ASN A 257 -4.50 -2.09 -21.54
CA ASN A 257 -4.82 -3.51 -21.60
C ASN A 257 -6.32 -3.73 -21.51
N ARG A 258 -6.76 -4.93 -21.87
CA ARG A 258 -8.18 -5.25 -21.83
C ARG A 258 -8.42 -6.62 -21.21
N LEU A 259 -9.60 -6.81 -20.65
CA LEU A 259 -10.03 -8.12 -20.16
C LEU A 259 -11.43 -8.40 -20.65
N LEU A 260 -11.61 -9.57 -21.25
CA LEU A 260 -12.94 -10.05 -21.59
C LEU A 260 -13.39 -11.09 -20.57
N ILE A 261 -14.55 -10.86 -19.99
CA ILE A 261 -15.11 -11.80 -19.02
C ILE A 261 -16.32 -12.47 -19.64
N THR A 262 -16.25 -13.78 -19.83
CA THR A 262 -17.35 -14.51 -20.41
C THR A 262 -17.55 -15.82 -19.64
N GLY A 263 -18.69 -16.47 -19.85
CA GLY A 263 -18.95 -17.74 -19.20
C GLY A 263 -18.95 -18.90 -20.17
N THR A 264 -18.64 -18.60 -21.44
CA THR A 264 -18.76 -19.59 -22.50
C THR A 264 -17.41 -19.93 -23.14
N PRO A 265 -17.25 -21.18 -23.58
CA PRO A 265 -15.98 -21.57 -24.19
C PRO A 265 -15.84 -21.00 -25.59
N LEU A 266 -14.65 -21.13 -26.18
CA LEU A 266 -14.40 -20.68 -27.54
C LEU A 266 -15.31 -21.46 -28.48
N GLN A 267 -15.77 -20.80 -29.53
CA GLN A 267 -16.65 -21.46 -30.48
C GLN A 267 -16.04 -21.56 -31.87
N ASN A 268 -16.48 -22.57 -32.62
CA ASN A 268 -16.02 -22.81 -33.97
C ASN A 268 -16.64 -21.83 -34.95
N ASN A 269 -16.15 -20.60 -34.91
CA ASN A 269 -16.69 -19.52 -35.71
C ASN A 269 -15.54 -18.58 -36.07
N LEU A 270 -15.10 -18.67 -37.32
CA LEU A 270 -13.91 -17.94 -37.76
C LEU A 270 -13.96 -16.45 -37.43
N HIS A 271 -15.12 -15.83 -37.61
CA HIS A 271 -15.24 -14.39 -37.38
C HIS A 271 -15.11 -14.00 -35.91
N GLU A 272 -15.72 -14.79 -35.04
CA GLU A 272 -15.64 -14.56 -33.60
C GLU A 272 -14.19 -14.61 -33.15
N LEU A 273 -13.47 -15.62 -33.64
CA LEU A 273 -12.07 -15.80 -33.30
C LEU A 273 -11.21 -14.64 -33.76
N TRP A 274 -11.49 -14.11 -34.95
CA TRP A 274 -10.78 -12.91 -35.37
C TRP A 274 -11.14 -11.73 -34.47
N ALA A 275 -12.40 -11.68 -34.03
CA ALA A 275 -12.87 -10.57 -33.21
C ALA A 275 -12.17 -10.56 -31.85
N LEU A 276 -11.91 -11.75 -31.31
CA LEU A 276 -11.14 -11.89 -30.07
C LEU A 276 -9.69 -11.44 -30.26
N LEU A 277 -9.06 -11.89 -31.35
CA LEU A 277 -7.69 -11.51 -31.65
C LEU A 277 -7.56 -10.00 -31.81
N ASN A 278 -8.58 -9.40 -32.40
CA ASN A 278 -8.60 -7.96 -32.60
C ASN A 278 -8.81 -7.25 -31.27
N PHE A 279 -9.67 -7.82 -30.42
CA PHE A 279 -9.90 -7.28 -29.09
C PHE A 279 -8.65 -7.36 -28.21
N LEU A 280 -7.97 -8.51 -28.26
CA LEU A 280 -6.77 -8.72 -27.45
C LEU A 280 -5.55 -8.00 -28.01
N LEU A 281 -5.39 -8.02 -29.32
CA LEU A 281 -4.20 -7.44 -29.96
C LEU A 281 -4.60 -6.49 -31.09
N PRO A 282 -5.17 -5.34 -30.76
CA PRO A 282 -5.72 -4.45 -31.79
C PRO A 282 -4.66 -3.81 -32.69
N ASP A 283 -3.39 -3.92 -32.34
CA ASP A 283 -2.32 -3.36 -33.18
C ASP A 283 -1.79 -4.39 -34.15
N VAL A 284 -1.90 -5.66 -33.76
CA VAL A 284 -1.44 -6.75 -34.61
C VAL A 284 -2.53 -7.17 -35.59
N PHE A 285 -3.76 -7.25 -35.10
CA PHE A 285 -4.90 -7.62 -35.93
C PHE A 285 -5.86 -6.45 -36.05
N GLY A 286 -5.35 -5.35 -36.59
CA GLY A 286 -6.10 -4.10 -36.66
C GLY A 286 -7.34 -4.14 -37.54
N ASP A 287 -7.22 -4.74 -38.71
CA ASP A 287 -8.33 -4.74 -39.66
C ASP A 287 -8.68 -6.12 -40.19
N SER A 288 -9.97 -6.32 -40.43
CA SER A 288 -10.51 -7.56 -40.95
C SER A 288 -9.92 -7.93 -42.32
N GLU A 289 -9.49 -6.93 -43.07
CA GLU A 289 -9.02 -7.15 -44.43
C GLU A 289 -7.74 -7.98 -44.49
N ALA A 290 -6.78 -7.66 -43.61
CA ALA A 290 -5.52 -8.37 -43.57
C ALA A 290 -5.71 -9.84 -43.19
N PHE A 291 -6.68 -10.10 -42.34
CA PHE A 291 -6.98 -11.46 -41.91
C PHE A 291 -7.58 -12.28 -43.05
N ASP A 292 -8.52 -11.69 -43.78
CA ASP A 292 -9.17 -12.37 -44.89
C ASP A 292 -8.17 -12.72 -45.99
N GLN A 293 -7.28 -11.79 -46.28
CA GLN A 293 -6.21 -12.01 -47.25
C GLN A 293 -5.23 -13.09 -46.77
N TRP A 294 -4.97 -13.14 -45.48
CA TRP A 294 -4.10 -14.19 -44.94
C TRP A 294 -4.75 -15.56 -45.11
N PHE A 295 -6.02 -15.64 -44.77
CA PHE A 295 -6.77 -16.90 -44.86
C PHE A 295 -6.85 -17.44 -46.28
N SER A 296 -7.19 -16.57 -47.23
CA SER A 296 -7.29 -16.98 -48.63
C SER A 296 -5.94 -17.37 -49.22
N GLY A 297 -4.86 -16.81 -48.65
CA GLY A 297 -3.52 -17.04 -49.16
C GLY A 297 -2.85 -18.28 -48.58
N GLN A 298 -3.33 -18.76 -47.44
CA GLN A 298 -2.72 -19.93 -46.82
C GLN A 298 -3.40 -21.21 -47.32
N ASP A 299 -2.92 -22.36 -46.86
CA ASP A 299 -3.26 -23.62 -47.52
C ASP A 299 -4.00 -24.63 -46.65
N ARG A 300 -4.50 -24.20 -45.50
CA ARG A 300 -5.30 -25.10 -44.68
C ARG A 300 -6.78 -24.75 -44.80
N ASP A 301 -7.62 -25.77 -44.79
CA ASP A 301 -9.06 -25.57 -44.89
C ASP A 301 -9.57 -24.81 -43.68
N GLN A 302 -10.80 -24.32 -43.77
CA GLN A 302 -11.38 -23.45 -42.75
C GLN A 302 -11.48 -24.06 -41.36
N ASP A 303 -11.96 -25.30 -41.28
CA ASP A 303 -12.13 -25.96 -39.98
C ASP A 303 -10.80 -26.20 -39.29
N THR A 304 -9.75 -26.39 -40.09
CA THR A 304 -8.40 -26.55 -39.56
C THR A 304 -7.85 -25.22 -39.07
N VAL A 305 -8.09 -24.16 -39.83
CA VAL A 305 -7.70 -22.81 -39.42
C VAL A 305 -8.38 -22.43 -38.09
N VAL A 306 -9.67 -22.74 -37.98
CA VAL A 306 -10.42 -22.51 -36.77
C VAL A 306 -9.75 -23.19 -35.57
N GLN A 307 -9.34 -24.44 -35.76
CA GLN A 307 -8.67 -25.17 -34.69
C GLN A 307 -7.30 -24.60 -34.36
N GLN A 308 -6.59 -24.12 -35.38
CA GLN A 308 -5.30 -23.47 -35.17
C GLN A 308 -5.47 -22.17 -34.38
N LEU A 309 -6.53 -21.44 -34.67
CA LEU A 309 -6.84 -20.22 -33.95
C LEU A 309 -7.20 -20.48 -32.49
N HIS A 310 -7.91 -21.59 -32.23
CA HIS A 310 -8.19 -22.00 -30.86
C HIS A 310 -6.91 -22.25 -30.08
N ARG A 311 -5.97 -22.95 -30.71
CA ARG A 311 -4.72 -23.33 -30.07
C ARG A 311 -3.88 -22.09 -29.75
N VAL A 312 -3.94 -21.13 -30.64
CA VAL A 312 -3.21 -19.87 -30.50
C VAL A 312 -3.83 -18.95 -29.43
N LEU A 313 -5.14 -19.10 -29.21
CA LEU A 313 -5.84 -18.29 -28.23
C LEU A 313 -5.75 -18.84 -26.80
N ARG A 314 -5.32 -20.09 -26.68
CA ARG A 314 -5.22 -20.77 -25.38
C ARG A 314 -4.43 -20.00 -24.31
N PRO A 315 -3.25 -19.45 -24.63
CA PRO A 315 -2.52 -18.69 -23.61
C PRO A 315 -3.24 -17.45 -23.10
N PHE A 316 -4.18 -16.92 -23.89
CA PHE A 316 -4.87 -15.68 -23.53
C PHE A 316 -6.18 -15.98 -22.81
N LEU A 317 -6.44 -17.26 -22.55
CA LEU A 317 -7.75 -17.67 -22.07
C LEU A 317 -7.66 -18.61 -20.87
N LEU A 318 -8.40 -18.28 -19.82
CA LEU A 318 -8.51 -19.16 -18.67
C LEU A 318 -9.96 -19.61 -18.54
N ARG A 319 -10.18 -20.92 -18.61
CA ARG A 319 -11.52 -21.42 -18.37
C ARG A 319 -11.47 -22.69 -17.53
N ARG A 320 -12.42 -22.77 -16.61
CA ARG A 320 -12.50 -23.89 -15.70
C ARG A 320 -13.98 -24.05 -15.47
N VAL A 321 -14.42 -25.29 -15.41
CA VAL A 321 -15.82 -25.59 -15.22
C VAL A 321 -15.95 -26.16 -13.82
N LYS A 322 -17.16 -26.16 -13.28
CA LYS A 322 -17.40 -26.58 -11.90
C LYS A 322 -16.72 -27.89 -11.52
N SER A 323 -16.70 -28.85 -12.45
CA SER A 323 -16.07 -30.14 -12.16
C SER A 323 -14.55 -30.04 -11.97
N ASP A 324 -13.91 -29.10 -12.65
CA ASP A 324 -12.48 -28.86 -12.47
C ASP A 324 -12.21 -28.39 -11.04
N VAL A 325 -13.07 -27.48 -10.59
CA VAL A 325 -12.91 -26.82 -9.30
C VAL A 325 -13.28 -27.75 -8.13
N GLU A 326 -14.31 -28.57 -8.34
CA GLU A 326 -14.78 -29.49 -7.32
C GLU A 326 -13.88 -30.71 -7.15
N LYS A 327 -13.08 -31.02 -8.16
CA LYS A 327 -12.12 -32.11 -8.02
C LYS A 327 -10.96 -31.65 -7.14
N SER A 328 -10.26 -32.60 -6.53
CA SER A 328 -9.12 -32.26 -5.69
C SER A 328 -7.84 -32.14 -6.50
N LEU A 329 -7.08 -31.10 -6.23
CA LEU A 329 -5.72 -30.97 -6.76
C LEU A 329 -4.76 -31.32 -5.63
N LEU A 330 -4.04 -32.42 -5.80
CA LEU A 330 -3.16 -32.92 -4.75
C LEU A 330 -2.08 -31.90 -4.41
N PRO A 331 -1.76 -31.77 -3.11
CA PRO A 331 -0.71 -30.86 -2.63
C PRO A 331 0.64 -31.29 -3.17
N LYS A 332 1.53 -30.35 -3.49
CA LYS A 332 2.84 -30.71 -3.98
C LYS A 332 3.78 -31.08 -2.82
N LYS A 333 4.60 -32.10 -3.06
CA LYS A 333 5.66 -32.46 -2.12
C LYS A 333 6.92 -31.75 -2.58
N GLU A 334 7.40 -30.82 -1.78
CA GLU A 334 8.61 -30.08 -2.10
C GLU A 334 9.76 -30.60 -1.23
N ILE A 335 10.82 -31.07 -1.88
CA ILE A 335 11.96 -31.65 -1.16
C ILE A 335 13.28 -31.04 -1.61
N ASN A 336 14.04 -30.52 -0.66
CA ASN A 336 15.39 -30.06 -0.94
C ASN A 336 16.34 -31.25 -1.06
N VAL A 337 17.24 -31.20 -2.03
CA VAL A 337 18.22 -32.26 -2.21
C VAL A 337 19.63 -31.70 -2.03
N TYR A 338 20.25 -32.05 -0.91
CA TYR A 338 21.55 -31.50 -0.54
C TYR A 338 22.66 -32.32 -1.17
N ILE A 339 23.52 -31.65 -1.93
CA ILE A 339 24.40 -32.31 -2.87
C ILE A 339 25.84 -31.82 -2.74
N GLY A 340 26.79 -32.75 -2.86
CA GLY A 340 28.20 -32.42 -2.76
C GLY A 340 28.76 -31.89 -4.06
N MET A 341 30.07 -31.71 -4.10
CA MET A 341 30.76 -31.24 -5.30
C MET A 341 31.86 -32.20 -5.72
N SER A 342 32.07 -32.30 -7.03
CA SER A 342 33.14 -33.14 -7.56
C SER A 342 34.48 -32.49 -7.27
N GLU A 343 35.55 -33.27 -7.39
CA GLU A 343 36.91 -32.75 -7.20
C GLU A 343 37.17 -31.56 -8.10
N MET A 344 36.64 -31.62 -9.32
CA MET A 344 36.80 -30.55 -10.29
C MET A 344 36.04 -29.28 -9.89
N GLN A 345 34.88 -29.48 -9.28
CA GLN A 345 34.11 -28.36 -8.74
C GLN A 345 34.88 -27.71 -7.60
N VAL A 346 35.42 -28.55 -6.71
CA VAL A 346 36.23 -28.10 -5.59
C VAL A 346 37.39 -27.22 -6.04
N LYS A 347 38.07 -27.62 -7.11
CA LYS A 347 39.19 -26.85 -7.64
C LYS A 347 38.77 -25.49 -8.18
N TRP A 348 37.69 -25.46 -8.95
CA TRP A 348 37.26 -24.22 -9.57
C TRP A 348 36.66 -23.26 -8.53
N TYR A 349 35.99 -23.82 -7.53
CA TYR A 349 35.45 -23.03 -6.42
C TYR A 349 36.60 -22.33 -5.70
N GLN A 350 37.68 -23.05 -5.45
CA GLN A 350 38.86 -22.48 -4.81
C GLN A 350 39.48 -21.38 -5.65
N LYS A 351 39.67 -21.66 -6.94
CA LYS A 351 40.23 -20.69 -7.89
C LYS A 351 39.43 -19.38 -7.90
N ILE A 352 38.11 -19.49 -7.83
CA ILE A 352 37.23 -18.32 -7.82
C ILE A 352 37.37 -17.52 -6.52
N LEU A 353 37.29 -18.22 -5.40
CA LEU A 353 37.47 -17.60 -4.10
C LEU A 353 38.84 -16.91 -3.99
N GLU A 354 39.88 -17.62 -4.43
CA GLU A 354 41.25 -17.11 -4.29
C GLU A 354 41.56 -15.91 -5.18
N LYS A 355 41.01 -15.86 -6.39
CA LYS A 355 41.32 -14.76 -7.31
C LYS A 355 40.75 -13.43 -6.82
N ASP A 356 39.96 -13.49 -5.75
CA ASP A 356 39.49 -12.29 -5.08
C ASP A 356 39.47 -12.56 -3.58
N ILE A 357 40.61 -12.97 -3.05
CA ILE A 357 40.74 -13.43 -1.68
C ILE A 357 40.53 -12.32 -0.64
N ASP A 358 40.85 -11.09 -1.00
CA ASP A 358 40.70 -9.96 -0.08
C ASP A 358 39.25 -9.70 0.29
N ALA A 359 38.36 -9.76 -0.69
CA ALA A 359 36.94 -9.59 -0.45
C ALA A 359 36.39 -10.77 0.34
N VAL A 360 36.84 -11.97 -0.02
CA VAL A 360 36.38 -13.20 0.63
C VAL A 360 36.72 -13.22 2.12
N ASN A 361 37.93 -12.79 2.46
CA ASN A 361 38.34 -12.71 3.87
C ASN A 361 37.58 -11.63 4.62
N GLY A 362 37.29 -10.53 3.93
CA GLY A 362 36.53 -9.43 4.51
C GLY A 362 37.21 -8.77 5.70
N ALA A 363 38.53 -8.63 5.64
CA ALA A 363 39.28 -8.01 6.73
C ALA A 363 39.53 -6.53 6.48
N GLY A 364 39.40 -6.13 5.22
CA GLY A 364 39.66 -4.76 4.82
C GLY A 364 38.46 -3.83 4.89
N GLY A 365 38.43 -2.84 4.00
CA GLY A 365 37.44 -1.79 4.06
C GLY A 365 36.06 -2.16 3.57
N LYS A 366 35.95 -3.24 2.80
CA LYS A 366 34.70 -3.64 2.17
C LYS A 366 34.14 -2.50 1.33
N ARG A 367 35.04 -1.76 0.67
CA ARG A 367 34.65 -0.56 -0.05
C ARG A 367 34.64 -0.81 -1.56
N GLU A 368 34.85 -2.07 -1.95
CA GLU A 368 34.76 -2.45 -3.36
C GLU A 368 33.32 -2.39 -3.82
N SER A 369 33.13 -2.32 -5.15
CA SER A 369 31.80 -2.19 -5.72
C SER A 369 30.96 -3.43 -5.47
N LYS A 370 29.64 -3.25 -5.52
CA LYS A 370 28.72 -4.36 -5.39
C LYS A 370 28.88 -5.28 -6.59
N THR A 371 29.23 -4.68 -7.73
CA THR A 371 29.44 -5.43 -8.98
C THR A 371 30.53 -6.48 -8.82
N ARG A 372 31.59 -6.13 -8.10
CA ARG A 372 32.70 -7.04 -7.83
C ARG A 372 32.23 -8.26 -7.05
N LEU A 373 31.33 -8.07 -6.10
CA LEU A 373 30.80 -9.17 -5.30
C LEU A 373 29.77 -9.98 -6.08
N LEU A 374 29.05 -9.32 -6.97
CA LEU A 374 28.06 -9.98 -7.78
C LEU A 374 28.71 -10.95 -8.78
N ASN A 375 29.81 -10.53 -9.39
CA ASN A 375 30.60 -11.39 -10.27
C ASN A 375 31.07 -12.66 -9.56
N ILE A 376 31.56 -12.53 -8.34
CA ILE A 376 32.01 -13.67 -7.55
C ILE A 376 30.86 -14.65 -7.32
N VAL A 377 29.73 -14.11 -6.85
CA VAL A 377 28.54 -14.90 -6.59
C VAL A 377 28.08 -15.64 -7.84
N MET A 378 28.14 -14.95 -8.97
CA MET A 378 27.77 -15.52 -10.26
C MET A 378 28.65 -16.71 -10.62
N GLN A 379 29.97 -16.54 -10.48
CA GLN A 379 30.90 -17.62 -10.77
C GLN A 379 30.68 -18.82 -9.86
N LEU A 380 30.47 -18.57 -8.57
CA LEU A 380 30.21 -19.64 -7.62
C LEU A 380 28.91 -20.36 -7.97
N ARG A 381 27.94 -19.59 -8.49
CA ARG A 381 26.68 -20.18 -8.91
C ARG A 381 26.89 -21.13 -10.09
N LYS A 382 27.72 -20.71 -11.05
CA LYS A 382 28.08 -21.53 -12.19
C LYS A 382 28.79 -22.81 -11.76
N CYS A 383 29.69 -22.67 -10.79
CA CYS A 383 30.46 -23.80 -10.29
C CYS A 383 29.58 -24.86 -9.62
N CYS A 384 28.58 -24.43 -8.84
CA CYS A 384 27.67 -25.36 -8.18
C CYS A 384 26.79 -26.08 -9.19
N ASN A 385 26.71 -25.51 -10.39
CA ASN A 385 25.90 -26.09 -11.43
C ASN A 385 26.66 -27.12 -12.25
N HIS A 386 27.73 -26.68 -12.91
CA HIS A 386 28.58 -27.56 -13.69
C HIS A 386 29.88 -26.84 -14.06
N PRO A 387 31.03 -27.49 -13.79
CA PRO A 387 32.33 -26.87 -14.05
C PRO A 387 32.54 -26.56 -15.53
N TYR A 388 31.90 -27.33 -16.41
CA TYR A 388 32.09 -27.13 -17.86
C TYR A 388 31.59 -25.77 -18.34
N LEU A 389 30.86 -25.05 -17.48
CA LEU A 389 30.41 -23.72 -17.81
C LEU A 389 31.59 -22.73 -17.88
N PHE A 390 32.73 -23.11 -17.32
CA PHE A 390 33.93 -22.29 -17.38
C PHE A 390 34.79 -22.67 -18.59
N GLU A 391 35.25 -21.65 -19.31
CA GLU A 391 36.19 -21.87 -20.41
C GLU A 391 37.44 -22.57 -19.91
N GLY A 392 37.88 -23.58 -20.67
CA GLY A 392 39.12 -24.28 -20.36
C GLY A 392 38.96 -25.34 -19.30
N ALA A 393 37.73 -25.54 -18.85
CA ALA A 393 37.48 -26.50 -17.77
C ALA A 393 37.29 -27.92 -18.31
N GLU A 394 36.43 -28.05 -19.32
CA GLU A 394 36.13 -29.35 -19.92
C GLU A 394 37.38 -29.97 -20.53
N PRO A 395 37.55 -31.29 -20.35
CA PRO A 395 38.68 -32.03 -20.94
C PRO A 395 38.92 -31.62 -22.38
N GLY A 396 40.13 -31.12 -22.64
CA GLY A 396 40.47 -30.47 -23.90
C GLY A 396 40.07 -31.23 -25.15
N PRO A 397 39.99 -30.52 -26.29
CA PRO A 397 39.57 -31.05 -27.60
C PRO A 397 40.11 -32.45 -27.87
N PRO A 398 39.25 -33.36 -28.39
CA PRO A 398 37.86 -33.07 -28.75
C PRO A 398 36.90 -33.15 -27.57
N TYR A 399 35.91 -32.27 -27.54
CA TYR A 399 34.91 -32.28 -26.48
C TYR A 399 33.83 -33.31 -26.80
N THR A 400 33.67 -34.28 -25.91
CA THR A 400 32.74 -35.37 -26.12
C THR A 400 31.90 -35.62 -24.86
N THR A 401 30.70 -36.13 -25.02
CA THR A 401 29.88 -36.46 -23.86
C THR A 401 30.32 -37.80 -23.29
N ASP A 402 31.18 -37.76 -22.28
CA ASP A 402 31.63 -38.97 -21.63
C ASP A 402 30.69 -39.27 -20.48
N GLU A 403 31.07 -40.23 -19.64
CA GLU A 403 30.42 -40.38 -18.36
C GLU A 403 31.04 -39.35 -17.42
N HIS A 404 32.12 -38.73 -17.89
CA HIS A 404 32.78 -37.64 -17.19
C HIS A 404 31.94 -36.37 -17.16
N LEU A 405 31.01 -36.27 -18.12
CA LEU A 405 30.07 -35.15 -18.16
C LEU A 405 29.15 -35.22 -16.96
N ILE A 406 28.94 -36.42 -16.44
CA ILE A 406 28.10 -36.64 -15.28
C ILE A 406 28.91 -36.52 -13.98
N TYR A 407 30.07 -37.17 -13.95
CA TYR A 407 30.81 -37.33 -12.70
C TYR A 407 31.59 -36.09 -12.28
N ASN A 408 31.78 -35.15 -13.21
CA ASN A 408 32.41 -33.89 -12.88
C ASN A 408 31.48 -32.88 -12.19
N ALA A 409 30.25 -33.31 -11.91
CA ALA A 409 29.29 -32.44 -11.23
C ALA A 409 28.38 -33.22 -10.28
N GLY A 410 28.33 -32.75 -9.02
CA GLY A 410 27.54 -33.41 -8.01
C GLY A 410 26.07 -33.49 -8.35
N LYS A 411 25.56 -32.43 -8.97
CA LYS A 411 24.15 -32.40 -9.37
C LYS A 411 23.84 -33.39 -10.48
N MET A 412 24.76 -33.52 -11.45
CA MET A 412 24.58 -34.46 -12.56
C MET A 412 24.51 -35.91 -12.07
N VAL A 413 25.37 -36.25 -11.11
CA VAL A 413 25.38 -37.59 -10.54
C VAL A 413 24.05 -37.92 -9.87
N VAL A 414 23.54 -36.99 -9.06
CA VAL A 414 22.25 -37.18 -8.41
C VAL A 414 21.11 -37.21 -9.43
N LEU A 415 21.19 -36.30 -10.41
CA LEU A 415 20.19 -36.24 -11.46
C LEU A 415 20.12 -37.56 -12.23
N ASP A 416 21.30 -38.06 -12.61
CA ASP A 416 21.40 -39.25 -13.43
C ASP A 416 20.69 -40.46 -12.82
N LYS A 417 20.83 -40.62 -11.50
CA LYS A 417 20.16 -41.72 -10.82
C LYS A 417 18.70 -41.41 -10.58
N LEU A 418 18.39 -40.14 -10.37
CA LEU A 418 17.01 -39.73 -10.09
C LEU A 418 16.13 -39.96 -11.32
N LEU A 419 16.64 -39.57 -12.49
CA LEU A 419 15.91 -39.75 -13.74
C LEU A 419 15.65 -41.22 -14.03
N LYS A 420 16.67 -42.03 -13.79
CA LYS A 420 16.57 -43.48 -13.96
C LYS A 420 15.44 -44.04 -13.12
N ARG A 421 15.32 -43.54 -11.89
CA ARG A 421 14.27 -43.97 -10.98
C ARG A 421 12.91 -43.37 -11.34
N ILE A 422 12.91 -42.18 -11.94
CA ILE A 422 11.67 -41.52 -12.35
C ILE A 422 11.02 -42.24 -13.52
N GLN A 423 11.84 -42.66 -14.48
CA GLN A 423 11.34 -43.35 -15.67
C GLN A 423 10.78 -44.73 -15.33
N LYS A 424 11.45 -45.42 -14.41
CA LYS A 424 11.04 -46.76 -13.99
C LYS A 424 9.62 -46.79 -13.44
N GLN A 425 9.28 -45.80 -12.61
CA GLN A 425 7.95 -45.73 -12.04
C GLN A 425 6.95 -45.13 -13.05
N GLY A 426 7.44 -44.84 -14.25
CA GLY A 426 6.59 -44.34 -15.32
C GLY A 426 6.13 -42.91 -15.10
N SER A 427 6.99 -42.09 -14.52
CA SER A 427 6.68 -40.68 -14.32
C SER A 427 7.42 -39.83 -15.35
N ARG A 428 6.96 -38.60 -15.51
CA ARG A 428 7.57 -37.67 -16.45
C ARG A 428 7.99 -36.40 -15.71
N VAL A 429 9.05 -35.76 -16.18
CA VAL A 429 9.69 -34.70 -15.41
C VAL A 429 9.98 -33.41 -16.18
N LEU A 430 9.75 -32.27 -15.51
CA LEU A 430 10.22 -30.99 -16.01
C LEU A 430 11.51 -30.63 -15.26
N ILE A 431 12.48 -30.09 -15.98
CA ILE A 431 13.72 -29.66 -15.35
C ILE A 431 13.97 -28.19 -15.65
N PHE A 432 13.93 -27.36 -14.61
CA PHE A 432 14.13 -25.92 -14.75
C PHE A 432 15.54 -25.50 -14.35
N SER A 433 16.08 -24.51 -15.06
CA SER A 433 17.33 -23.89 -14.66
C SER A 433 17.37 -22.41 -15.01
N GLN A 434 18.16 -21.65 -14.26
CA GLN A 434 18.38 -20.23 -14.52
C GLN A 434 19.26 -20.02 -15.75
N MET A 435 20.10 -21.02 -16.04
CA MET A 435 21.14 -20.85 -17.06
C MET A 435 20.90 -21.71 -18.32
N SER A 436 20.82 -21.06 -19.47
CA SER A 436 20.61 -21.78 -20.72
C SER A 436 21.83 -22.63 -21.08
N ARG A 437 23.01 -22.11 -20.75
CA ARG A 437 24.25 -22.83 -21.01
C ARG A 437 24.35 -24.11 -20.19
N LEU A 438 23.51 -24.23 -19.17
CA LEU A 438 23.46 -25.44 -18.36
C LEU A 438 22.49 -26.42 -18.98
N LEU A 439 21.38 -25.89 -19.50
CA LEU A 439 20.45 -26.71 -20.26
C LEU A 439 21.14 -27.34 -21.48
N ASP A 440 22.06 -26.59 -22.10
CA ASP A 440 22.90 -27.10 -23.19
C ASP A 440 23.63 -28.38 -22.78
N ILE A 441 24.22 -28.35 -21.58
CA ILE A 441 24.90 -29.53 -21.05
C ILE A 441 23.89 -30.64 -20.79
N LEU A 442 22.69 -30.26 -20.38
CA LEU A 442 21.64 -31.24 -20.13
C LEU A 442 21.10 -31.85 -21.44
N GLU A 443 21.09 -31.06 -22.50
CA GLU A 443 20.69 -31.55 -23.81
C GLU A 443 21.63 -32.66 -24.26
N ASP A 444 22.93 -32.38 -24.19
CA ASP A 444 23.94 -33.36 -24.56
C ASP A 444 23.84 -34.60 -23.69
N TYR A 445 23.67 -34.41 -22.39
CA TYR A 445 23.49 -35.53 -21.46
C TYR A 445 22.29 -36.38 -21.83
N CYS A 446 21.20 -35.75 -22.24
CA CYS A 446 19.96 -36.47 -22.57
C CYS A 446 20.15 -37.43 -23.74
N VAL A 447 20.88 -36.97 -24.76
CA VAL A 447 21.17 -37.80 -25.91
C VAL A 447 22.04 -38.97 -25.48
N PHE A 448 23.07 -38.67 -24.71
CA PHE A 448 24.01 -39.69 -24.22
C PHE A 448 23.33 -40.83 -23.46
N ARG A 449 22.19 -40.55 -22.85
CA ARG A 449 21.45 -41.58 -22.12
C ARG A 449 20.26 -42.07 -22.93
N GLY A 450 20.10 -41.50 -24.12
CA GLY A 450 18.96 -41.82 -24.96
C GLY A 450 17.65 -41.36 -24.34
N TYR A 451 17.63 -40.13 -23.85
CA TYR A 451 16.42 -39.57 -23.26
C TYR A 451 15.72 -38.66 -24.25
N LYS A 452 14.44 -38.94 -24.49
CA LYS A 452 13.62 -38.12 -25.38
C LYS A 452 13.17 -36.86 -24.66
N TYR A 453 13.38 -35.71 -25.29
CA TYR A 453 13.13 -34.44 -24.61
C TYR A 453 12.57 -33.31 -25.48
N CYS A 454 11.89 -32.37 -24.84
CA CYS A 454 11.58 -31.09 -25.46
C CYS A 454 12.37 -30.01 -24.74
N ARG A 455 12.47 -28.84 -25.37
CA ARG A 455 13.17 -27.73 -24.75
C ARG A 455 12.58 -26.37 -25.14
N ILE A 456 12.37 -25.53 -24.12
CA ILE A 456 11.92 -24.15 -24.28
C ILE A 456 12.77 -23.20 -23.43
N ASP A 457 13.24 -22.10 -24.03
CA ASP A 457 14.06 -21.12 -23.33
C ASP A 457 13.37 -19.77 -23.21
N GLY A 458 12.34 -19.56 -24.02
CA GLY A 458 11.70 -18.27 -24.09
C GLY A 458 12.42 -17.36 -25.08
N SER A 459 13.00 -17.97 -26.12
CA SER A 459 13.68 -17.21 -27.16
C SER A 459 12.70 -16.60 -28.15
N THR A 460 13.10 -15.51 -28.78
CA THR A 460 12.29 -14.91 -29.84
C THR A 460 12.87 -15.29 -31.20
N ALA A 461 13.96 -16.07 -31.20
CA ALA A 461 14.62 -16.46 -32.43
C ALA A 461 14.09 -17.77 -32.99
N HIS A 462 12.89 -17.71 -33.55
CA HIS A 462 12.23 -18.86 -34.19
C HIS A 462 12.17 -20.10 -33.32
N GLU A 463 11.86 -19.91 -32.04
CA GLU A 463 11.48 -21.00 -31.17
C GLU A 463 9.95 -21.05 -31.14
N ASP A 464 9.39 -22.24 -31.34
CA ASP A 464 7.94 -22.42 -31.36
C ASP A 464 7.53 -23.21 -30.13
N ARG A 465 7.07 -22.52 -29.09
CA ARG A 465 6.74 -23.22 -27.86
C ARG A 465 5.42 -23.98 -27.91
N ILE A 466 4.49 -23.54 -28.73
CA ILE A 466 3.25 -24.30 -28.96
C ILE A 466 3.54 -25.69 -29.54
N ALA A 467 4.44 -25.77 -30.52
CA ALA A 467 4.83 -27.05 -31.08
C ALA A 467 5.43 -27.95 -30.02
N ALA A 468 6.33 -27.39 -29.22
CA ALA A 468 7.01 -28.16 -28.18
C ALA A 468 6.09 -28.56 -27.03
N ILE A 469 5.24 -27.65 -26.59
CA ILE A 469 4.26 -27.97 -25.57
C ILE A 469 3.36 -29.11 -26.04
N ASP A 470 2.88 -29.01 -27.28
CA ASP A 470 1.98 -30.03 -27.82
C ASP A 470 2.66 -31.39 -27.98
N GLU A 471 3.91 -31.38 -28.45
CA GLU A 471 4.69 -32.61 -28.56
C GLU A 471 4.82 -33.32 -27.22
N TYR A 472 4.98 -32.55 -26.15
CA TYR A 472 5.15 -33.13 -24.82
C TYR A 472 3.81 -33.59 -24.24
N ASN A 473 2.74 -32.88 -24.57
CA ASN A 473 1.43 -33.12 -23.95
C ASN A 473 0.54 -34.13 -24.65
N LYS A 474 0.89 -34.49 -25.89
CA LYS A 474 0.11 -35.47 -26.65
C LYS A 474 0.01 -36.79 -25.90
N PRO A 475 -1.17 -37.42 -25.93
CA PRO A 475 -1.32 -38.73 -25.29
C PRO A 475 -0.40 -39.74 -25.97
N GLY A 476 0.28 -40.57 -25.17
CA GLY A 476 1.22 -41.53 -25.69
C GLY A 476 2.47 -40.89 -26.24
N SER A 477 2.83 -39.72 -25.72
CA SER A 477 4.00 -39.00 -26.18
C SER A 477 5.28 -39.77 -25.89
N ASP A 478 6.23 -39.67 -26.81
CA ASP A 478 7.52 -40.33 -26.66
C ASP A 478 8.35 -39.60 -25.60
N LYS A 479 8.03 -38.32 -25.41
CA LYS A 479 8.84 -37.44 -24.60
C LYS A 479 8.84 -37.78 -23.11
N PHE A 480 10.00 -37.62 -22.49
CA PHE A 480 10.19 -37.97 -21.09
C PHE A 480 10.56 -36.73 -20.27
N ILE A 481 11.53 -35.98 -20.76
CA ILE A 481 12.06 -34.82 -20.07
C ILE A 481 11.69 -33.54 -20.84
N PHE A 482 11.35 -32.48 -20.11
CA PHE A 482 11.19 -31.18 -20.73
C PHE A 482 12.19 -30.22 -20.09
N LEU A 483 13.10 -29.68 -20.90
CA LEU A 483 14.12 -28.77 -20.40
C LEU A 483 13.63 -27.34 -20.57
N LEU A 484 13.72 -26.56 -19.49
CA LEU A 484 13.10 -25.24 -19.45
C LEU A 484 13.94 -24.24 -18.68
N THR A 485 14.06 -23.02 -19.20
CA THR A 485 14.58 -21.92 -18.40
C THR A 485 13.50 -21.54 -17.39
N THR A 486 13.92 -20.99 -16.25
CA THR A 486 12.95 -20.62 -15.22
C THR A 486 12.04 -19.49 -15.74
N ARG A 487 12.61 -18.59 -16.53
CA ARG A 487 11.83 -17.55 -17.22
C ARG A 487 10.66 -18.12 -18.00
N ALA A 488 10.87 -19.27 -18.64
CA ALA A 488 9.84 -19.90 -19.46
C ALA A 488 8.63 -20.28 -18.62
N GLY A 489 8.86 -20.48 -17.33
CA GLY A 489 7.80 -20.75 -16.38
C GLY A 489 6.80 -19.62 -16.25
N GLY A 490 7.17 -18.44 -16.73
CA GLY A 490 6.30 -17.27 -16.69
C GLY A 490 5.54 -17.03 -17.99
N LEU A 491 5.59 -17.98 -18.90
CA LEU A 491 4.95 -17.82 -20.20
C LEU A 491 3.55 -18.41 -20.24
N GLY A 492 3.02 -18.80 -19.08
CA GLY A 492 1.66 -19.30 -18.97
C GLY A 492 1.43 -20.67 -19.58
N ILE A 493 2.50 -21.45 -19.73
CA ILE A 493 2.39 -22.76 -20.36
C ILE A 493 1.78 -23.80 -19.43
N ASN A 494 1.15 -24.81 -20.01
CA ASN A 494 0.53 -25.89 -19.26
C ASN A 494 1.26 -27.19 -19.52
N LEU A 495 1.84 -27.77 -18.47
CA LEU A 495 2.58 -29.02 -18.58
C LEU A 495 2.13 -30.03 -17.54
N THR A 496 0.82 -30.23 -17.45
CA THR A 496 0.24 -31.14 -16.45
C THR A 496 0.47 -32.61 -16.74
N THR A 497 1.01 -32.93 -17.92
CA THR A 497 1.31 -34.32 -18.25
C THR A 497 2.56 -34.82 -17.54
N ALA A 498 3.36 -33.89 -17.01
CA ALA A 498 4.47 -34.23 -16.14
C ALA A 498 4.03 -34.18 -14.68
N ASP A 499 4.68 -34.95 -13.81
CA ASP A 499 4.27 -35.02 -12.41
C ASP A 499 5.44 -34.86 -11.45
N ILE A 500 6.64 -34.70 -12.02
CA ILE A 500 7.82 -34.43 -11.23
C ILE A 500 8.52 -33.20 -11.77
N VAL A 501 8.95 -32.33 -10.86
CA VAL A 501 9.66 -31.11 -11.23
C VAL A 501 11.02 -31.08 -10.55
N ILE A 502 12.05 -30.77 -11.32
CA ILE A 502 13.39 -30.64 -10.77
C ILE A 502 13.91 -29.22 -10.97
N LEU A 503 14.13 -28.52 -9.86
CA LEU A 503 14.77 -27.22 -9.90
C LEU A 503 16.27 -27.45 -9.79
N TYR A 504 16.96 -27.41 -10.92
CA TYR A 504 18.38 -27.72 -10.96
C TYR A 504 19.18 -26.68 -10.17
N ASP A 505 18.81 -25.42 -10.34
CA ASP A 505 19.28 -24.34 -9.48
C ASP A 505 18.08 -23.45 -9.16
N SER A 506 18.21 -22.57 -8.18
CA SER A 506 17.06 -21.82 -7.69
C SER A 506 17.08 -20.35 -8.09
N ASP A 507 15.89 -19.76 -8.16
CA ASP A 507 15.76 -18.34 -8.45
C ASP A 507 15.90 -17.54 -7.16
N TRP A 508 16.52 -16.37 -7.24
CA TRP A 508 16.61 -15.49 -6.08
C TRP A 508 15.23 -15.03 -5.62
N ASN A 509 14.28 -15.03 -6.54
CA ASN A 509 12.89 -14.77 -6.22
C ASN A 509 12.11 -16.07 -6.20
N PRO A 510 11.85 -16.62 -5.01
CA PRO A 510 11.10 -17.86 -4.81
C PRO A 510 9.78 -17.90 -5.57
N GLN A 511 9.17 -16.74 -5.82
CA GLN A 511 7.92 -16.68 -6.57
C GLN A 511 8.10 -17.17 -8.01
N ALA A 512 9.28 -16.94 -8.58
CA ALA A 512 9.63 -17.44 -9.90
C ALA A 512 9.68 -18.96 -9.94
N ASP A 513 10.30 -19.58 -8.94
CA ASP A 513 10.31 -21.04 -8.88
C ASP A 513 8.93 -21.61 -8.64
N LEU A 514 8.15 -20.93 -7.80
CA LEU A 514 6.80 -21.37 -7.52
C LEU A 514 5.97 -21.32 -8.81
N GLN A 515 6.20 -20.28 -9.60
CA GLN A 515 5.54 -20.13 -10.88
C GLN A 515 5.94 -21.30 -11.79
N ALA A 516 7.20 -21.70 -11.70
CA ALA A 516 7.70 -22.83 -12.50
C ALA A 516 7.05 -24.16 -12.10
N MET A 517 7.03 -24.46 -10.79
CA MET A 517 6.37 -25.66 -10.28
C MET A 517 4.91 -25.73 -10.72
N ASP A 518 4.28 -24.56 -10.82
CA ASP A 518 2.84 -24.47 -11.11
C ASP A 518 2.52 -24.75 -12.57
N ARG A 519 3.55 -24.93 -13.40
CA ARG A 519 3.33 -25.38 -14.76
C ARG A 519 2.81 -26.81 -14.71
N ALA A 520 3.25 -27.57 -13.72
CA ALA A 520 2.78 -28.93 -13.52
C ALA A 520 1.72 -29.01 -12.43
N HIS A 521 1.87 -28.20 -11.37
CA HIS A 521 0.92 -28.21 -10.26
C HIS A 521 -0.23 -27.23 -10.47
N ARG A 522 -1.21 -27.65 -11.25
CA ARG A 522 -2.36 -26.81 -11.56
C ARG A 522 -3.54 -27.67 -11.98
N ILE A 523 -4.74 -27.10 -11.91
CA ILE A 523 -5.96 -27.82 -12.28
C ILE A 523 -5.80 -28.54 -13.62
N GLY A 524 -6.09 -29.85 -13.60
CA GLY A 524 -5.88 -30.71 -14.75
C GLY A 524 -4.92 -31.82 -14.41
N GLN A 525 -3.96 -31.51 -13.55
CA GLN A 525 -3.02 -32.48 -13.02
C GLN A 525 -3.74 -33.55 -12.22
N THR A 526 -3.40 -34.82 -12.48
CA THR A 526 -4.07 -35.94 -11.82
C THR A 526 -3.18 -36.63 -10.79
N LYS A 527 -1.87 -36.46 -10.92
CA LYS A 527 -0.93 -37.13 -10.00
C LYS A 527 -0.38 -36.18 -8.94
N GLN A 528 0.41 -36.74 -8.02
CA GLN A 528 1.04 -35.97 -6.97
C GLN A 528 2.33 -35.34 -7.49
N VAL A 529 2.37 -34.02 -7.59
CA VAL A 529 3.56 -33.34 -8.07
C VAL A 529 4.65 -33.35 -7.01
N VAL A 530 5.79 -33.92 -7.37
CA VAL A 530 6.94 -33.93 -6.48
C VAL A 530 8.02 -33.00 -7.03
N VAL A 531 8.42 -32.04 -6.21
CA VAL A 531 9.45 -31.08 -6.60
C VAL A 531 10.75 -31.36 -5.87
N TYR A 532 11.83 -31.53 -6.63
CA TYR A 532 13.16 -31.66 -6.05
C TYR A 532 13.95 -30.38 -6.31
N ARG A 533 14.41 -29.75 -5.24
CA ARG A 533 15.25 -28.56 -5.35
C ARG A 533 16.69 -28.92 -5.01
N PHE A 534 17.54 -28.97 -6.02
CA PHE A 534 18.95 -29.30 -5.81
C PHE A 534 19.66 -28.17 -5.08
N VAL A 535 20.32 -28.50 -3.96
CA VAL A 535 21.11 -27.54 -3.20
C VAL A 535 22.52 -28.07 -2.96
N THR A 536 23.53 -27.32 -3.38
CA THR A 536 24.90 -27.68 -3.07
C THR A 536 25.16 -27.40 -1.58
N ASP A 537 25.24 -28.46 -0.79
CA ASP A 537 25.40 -28.32 0.67
C ASP A 537 26.71 -27.64 1.04
N ASN A 538 26.66 -26.86 2.12
CA ASN A 538 27.83 -26.17 2.67
C ASN A 538 28.56 -25.27 1.67
N ALA A 539 27.85 -24.84 0.64
CA ALA A 539 28.38 -23.86 -0.30
C ALA A 539 27.40 -22.70 -0.39
N ILE A 540 27.65 -21.79 -1.32
CA ILE A 540 26.83 -20.59 -1.44
C ILE A 540 25.32 -20.87 -1.57
N GLU A 541 24.96 -21.94 -2.26
CA GLU A 541 23.55 -22.25 -2.50
C GLU A 541 22.76 -22.55 -1.24
N GLU A 542 23.40 -23.16 -0.25
CA GLU A 542 22.73 -23.45 1.01
C GLU A 542 22.43 -22.16 1.77
N LYS A 543 23.29 -21.16 1.61
CA LYS A 543 23.06 -19.86 2.22
C LYS A 543 21.85 -19.17 1.59
N VAL A 544 21.81 -19.15 0.26
CA VAL A 544 20.66 -18.64 -0.48
C VAL A 544 19.39 -19.35 -0.02
N LEU A 545 19.51 -20.65 0.22
CA LEU A 545 18.38 -21.45 0.67
C LEU A 545 17.82 -20.94 2.00
N GLU A 546 18.71 -20.60 2.93
CA GLU A 546 18.30 -20.10 4.24
C GLU A 546 17.60 -18.76 4.09
N ARG A 547 18.19 -17.88 3.29
CA ARG A 547 17.62 -16.57 3.02
C ARG A 547 16.22 -16.69 2.43
N ALA A 548 16.04 -17.67 1.54
CA ALA A 548 14.74 -17.92 0.94
C ALA A 548 13.70 -18.30 1.99
N ALA A 549 14.11 -19.11 2.96
CA ALA A 549 13.19 -19.53 4.02
C ALA A 549 12.86 -18.38 4.96
N GLN A 550 13.82 -17.49 5.15
CA GLN A 550 13.62 -16.30 5.98
C GLN A 550 12.63 -15.35 5.31
N LYS A 551 12.83 -15.09 4.02
CA LYS A 551 11.93 -14.22 3.26
C LYS A 551 10.52 -14.79 3.18
N LEU A 552 10.41 -16.12 3.18
CA LEU A 552 9.11 -16.78 3.14
C LEU A 552 8.35 -16.56 4.44
N ARG A 553 9.04 -16.66 5.57
CA ARG A 553 8.42 -16.44 6.86
C ARG A 553 8.02 -14.97 7.03
N LEU A 554 8.94 -14.07 6.68
CA LEU A 554 8.66 -12.64 6.68
C LEU A 554 7.43 -12.35 5.85
N ASP A 555 7.36 -12.98 4.69
CA ASP A 555 6.24 -12.79 3.78
C ASP A 555 4.92 -13.27 4.39
N GLN A 556 4.97 -14.36 5.14
CA GLN A 556 3.77 -14.88 5.79
C GLN A 556 3.26 -13.93 6.89
N LEU A 557 4.18 -13.37 7.65
CA LEU A 557 3.83 -12.46 8.73
C LEU A 557 3.11 -11.22 8.21
N VAL A 558 3.67 -10.61 7.17
CA VAL A 558 3.10 -9.39 6.60
C VAL A 558 1.71 -9.67 6.03
N ILE A 559 1.49 -10.89 5.53
CA ILE A 559 0.16 -11.29 5.14
C ILE A 559 -0.72 -11.39 6.38
N GLN A 560 -0.28 -12.19 7.35
CA GLN A 560 -1.09 -12.44 8.56
C GLN A 560 -1.40 -11.16 9.31
N GLN A 561 -0.40 -10.30 9.44
CA GLN A 561 -0.55 -9.02 10.12
C GLN A 561 -1.40 -8.04 9.32
N GLY A 562 -1.08 -7.91 8.03
CA GLY A 562 -1.79 -6.98 7.14
C GLY A 562 -3.28 -7.23 7.10
N ARG A 563 -3.69 -8.49 7.23
CA ARG A 563 -5.09 -8.86 7.25
C ARG A 563 -5.76 -8.43 8.56
N ALA A 564 -4.97 -8.39 9.63
CA ALA A 564 -5.49 -8.01 10.95
C ALA A 564 -5.61 -6.50 11.04
N GLN A 565 -4.67 -5.81 10.40
CA GLN A 565 -4.72 -4.37 10.25
C GLN A 565 -6.02 -3.93 9.60
N VAL A 566 -6.41 -4.61 8.53
CA VAL A 566 -7.65 -4.30 7.83
C VAL A 566 -8.84 -4.35 8.79
N ALA A 567 -8.87 -5.40 9.62
CA ALA A 567 -9.94 -5.55 10.60
C ALA A 567 -9.82 -4.51 11.72
N ALA A 568 -8.60 -4.21 12.13
CA ALA A 568 -8.37 -3.22 13.18
C ALA A 568 -8.72 -1.82 12.71
N LYS A 569 -8.25 -1.44 11.53
CA LYS A 569 -8.55 -0.12 10.96
C LYS A 569 -10.04 0.12 10.83
N ALA A 570 -10.81 -0.96 10.78
CA ALA A 570 -12.23 -0.90 10.47
C ALA A 570 -13.11 -0.58 11.68
N ALA A 571 -14.35 -0.18 11.40
CA ALA A 571 -15.31 0.17 12.44
C ALA A 571 -15.65 -1.06 13.26
N ALA A 572 -16.21 -0.82 14.45
CA ALA A 572 -16.48 -1.88 15.41
C ALA A 572 -17.38 -2.99 14.89
N ASN A 573 -17.12 -4.21 15.38
CA ASN A 573 -17.97 -5.37 15.16
C ASN A 573 -19.19 -5.30 16.06
N LYS A 574 -20.25 -6.01 15.68
CA LYS A 574 -21.40 -6.15 16.58
C LYS A 574 -20.93 -6.87 17.85
N ASP A 575 -20.01 -7.81 17.69
CA ASP A 575 -19.44 -8.51 18.83
C ASP A 575 -18.54 -7.59 19.63
N GLU A 576 -17.80 -6.74 18.93
CA GLU A 576 -16.93 -5.78 19.59
C GLU A 576 -17.77 -4.77 20.37
N LEU A 577 -18.83 -4.28 19.74
CA LEU A 577 -19.75 -3.35 20.38
C LEU A 577 -20.37 -3.98 21.62
N LEU A 578 -20.81 -5.23 21.47
CA LEU A 578 -21.47 -5.95 22.54
C LEU A 578 -20.56 -6.14 23.74
N SER A 579 -19.31 -6.51 23.50
CA SER A 579 -18.35 -6.70 24.59
C SER A 579 -18.02 -5.38 25.31
N MET A 580 -18.14 -4.27 24.60
CA MET A 580 -17.99 -2.95 25.20
C MET A 580 -19.16 -2.67 26.14
N ILE A 581 -20.37 -2.92 25.65
CA ILE A 581 -21.59 -2.74 26.43
C ILE A 581 -21.61 -3.62 27.68
N GLN A 582 -21.15 -4.85 27.55
CA GLN A 582 -21.25 -5.82 28.63
C GLN A 582 -20.17 -5.64 29.69
N HIS A 583 -19.06 -5.02 29.32
CA HIS A 583 -17.92 -4.93 30.23
C HIS A 583 -18.27 -4.14 31.49
N GLY A 584 -18.40 -4.86 32.60
CA GLY A 584 -18.68 -4.26 33.88
C GLY A 584 -20.16 -4.14 34.15
N ALA A 585 -20.96 -4.57 33.17
CA ALA A 585 -22.41 -4.48 33.28
C ALA A 585 -22.97 -5.19 34.52
N GLU A 586 -22.37 -6.33 34.87
CA GLU A 586 -22.79 -7.08 36.05
C GLU A 586 -22.58 -6.27 37.32
N LYS A 587 -21.34 -5.84 37.53
CA LYS A 587 -20.97 -5.11 38.74
C LYS A 587 -21.78 -3.84 38.91
N VAL A 588 -22.21 -3.27 37.79
CA VAL A 588 -23.05 -2.08 37.79
C VAL A 588 -24.45 -2.43 38.30
N PHE A 589 -25.03 -3.49 37.75
CA PHE A 589 -26.35 -3.98 38.19
C PHE A 589 -26.34 -4.36 39.66
N GLN A 590 -25.22 -4.94 40.11
CA GLN A 590 -25.06 -5.35 41.50
C GLN A 590 -25.05 -4.14 42.42
N THR A 591 -24.33 -3.10 42.01
CA THR A 591 -24.21 -1.88 42.79
C THR A 591 -25.56 -1.17 43.01
N LYS A 592 -25.82 -0.77 44.24
CA LYS A 592 -27.05 -0.05 44.58
C LYS A 592 -26.76 1.37 45.05
N GLY A 593 -25.54 1.59 45.52
CA GLY A 593 -25.11 2.92 45.92
C GLY A 593 -24.31 3.62 44.83
N ALA A 594 -23.01 3.74 45.05
CA ALA A 594 -22.12 4.35 44.06
C ALA A 594 -20.95 3.42 43.74
N PHE A 595 -20.28 3.65 42.61
CA PHE A 595 -19.18 2.81 42.18
C PHE A 595 -17.93 3.00 43.05
N GLY A 596 -16.97 2.09 42.89
CA GLY A 596 -15.81 1.97 43.78
C GLY A 596 -15.15 3.25 44.28
N THR A 597 -14.66 4.05 43.35
CA THR A 597 -13.94 5.28 43.69
C THR A 597 -14.85 6.33 44.34
N MET A 598 -16.08 6.43 43.86
CA MET A 598 -17.02 7.43 44.36
C MET A 598 -17.68 7.03 45.68
N ALA A 599 -17.77 5.73 45.93
CA ALA A 599 -18.40 5.22 47.14
C ALA A 599 -17.43 5.20 48.32
N GLU A 600 -16.12 5.24 48.01
CA GLU A 600 -15.10 5.17 49.05
C GLU A 600 -15.20 6.36 50.00
N LYS A 601 -15.70 7.48 49.48
CA LYS A 601 -15.90 8.68 50.29
C LYS A 601 -17.06 9.52 49.75
N GLY A 602 -16.80 10.27 48.67
CA GLY A 602 -17.86 11.02 48.02
C GLY A 602 -17.52 12.47 47.74
N SER A 603 -17.45 13.27 48.81
CA SER A 603 -17.15 14.69 48.66
C SER A 603 -15.67 14.94 48.37
N GLN A 604 -15.31 16.21 48.26
CA GLN A 604 -13.92 16.59 47.97
C GLN A 604 -13.02 16.26 49.15
N LEU A 605 -12.57 15.00 49.20
CA LEU A 605 -11.79 14.52 50.34
C LEU A 605 -10.28 14.69 50.17
N ASP A 606 -9.53 13.90 50.95
CA ASP A 606 -8.08 14.01 51.05
C ASP A 606 -7.35 14.09 49.71
N ASP A 607 -6.30 14.92 49.66
CA ASP A 607 -5.43 14.95 48.51
C ASP A 607 -4.53 13.70 48.49
N ASP A 608 -4.48 13.01 49.62
CA ASP A 608 -3.77 11.74 49.70
C ASP A 608 -4.52 10.66 48.93
N ASP A 609 -5.82 10.85 48.79
CA ASP A 609 -6.63 9.99 47.94
C ASP A 609 -6.30 10.29 46.48
N ILE A 610 -6.06 11.57 46.20
CA ILE A 610 -5.71 12.00 44.86
C ILE A 610 -4.31 11.52 44.49
N ASP A 611 -3.38 11.64 45.43
CA ASP A 611 -2.01 11.14 45.22
C ASP A 611 -2.00 9.63 45.05
N ALA A 612 -3.00 8.96 45.62
CA ALA A 612 -3.14 7.52 45.49
C ALA A 612 -3.74 7.14 44.14
N ILE A 613 -4.81 7.85 43.76
CA ILE A 613 -5.48 7.63 42.49
C ILE A 613 -4.52 7.86 41.33
N LEU A 614 -3.75 8.94 41.39
CA LEU A 614 -2.75 9.23 40.37
C LEU A 614 -1.63 8.19 40.36
N GLN A 615 -1.28 7.69 41.54
CA GLN A 615 -0.25 6.65 41.66
C GLN A 615 -0.77 5.31 41.13
N ALA A 616 -2.02 5.00 41.45
CA ALA A 616 -2.65 3.78 40.96
C ALA A 616 -2.81 3.86 39.46
N GLY A 617 -3.18 5.05 38.97
CA GLY A 617 -3.36 5.28 37.56
C GLY A 617 -2.06 5.12 36.80
N GLU A 618 -0.99 5.71 37.33
CA GLU A 618 0.32 5.61 36.69
C GLU A 618 0.82 4.17 36.69
N THR A 619 0.48 3.42 37.73
CA THR A 619 0.89 2.03 37.85
C THR A 619 0.11 1.10 36.91
N ARG A 620 -1.20 1.27 36.88
CA ARG A 620 -2.03 0.50 35.96
C ARG A 620 -1.66 0.81 34.51
N THR A 621 -1.29 2.07 34.25
CA THR A 621 -0.92 2.51 32.91
C THR A 621 0.33 1.80 32.42
N LYS A 622 1.36 1.78 33.26
CA LYS A 622 2.59 1.07 32.93
C LYS A 622 2.31 -0.41 32.71
N GLU A 623 1.36 -0.95 33.47
CA GLU A 623 1.00 -2.37 33.38
C GLU A 623 0.28 -2.71 32.08
N LEU A 624 -0.65 -1.85 31.67
CA LEU A 624 -1.41 -2.07 30.45
C LEU A 624 -0.53 -1.98 29.21
N ASN A 625 0.43 -1.06 29.24
CA ASN A 625 1.39 -0.92 28.15
C ASN A 625 2.30 -2.14 28.08
N ALA A 626 2.91 -2.48 29.21
CA ALA A 626 3.84 -3.61 29.29
C ALA A 626 3.23 -4.93 28.83
N ARG A 627 1.93 -5.09 29.07
CA ARG A 627 1.21 -6.30 28.71
C ARG A 627 1.27 -6.59 27.21
N TYR A 628 1.14 -5.54 26.40
CA TYR A 628 1.07 -5.70 24.95
C TYR A 628 2.38 -5.37 24.23
N GLU A 629 3.18 -4.48 24.80
CA GLU A 629 4.44 -4.06 24.16
C GLU A 629 5.38 -5.24 23.90
N LYS A 630 5.22 -6.30 24.68
CA LYS A 630 6.07 -7.47 24.57
C LYS A 630 5.58 -8.43 23.49
N LEU A 631 4.27 -8.44 23.26
CA LEU A 631 3.64 -9.46 22.42
C LEU A 631 3.93 -9.35 20.93
N GLY A 632 3.73 -10.47 20.24
CA GLY A 632 3.74 -10.53 18.79
C GLY A 632 2.36 -10.98 18.39
N ILE A 633 2.04 -10.93 17.10
CA ILE A 633 0.67 -11.13 16.64
C ILE A 633 -0.04 -12.40 17.10
N ASP A 634 0.70 -13.51 17.16
CA ASP A 634 0.08 -14.77 17.52
C ASP A 634 -0.30 -14.77 19.01
N ASP A 635 0.59 -14.26 19.85
CA ASP A 635 0.26 -14.02 21.25
C ASP A 635 -0.68 -12.82 21.40
N LEU A 636 -0.75 -11.98 20.36
CA LEU A 636 -1.65 -10.83 20.38
C LEU A 636 -3.07 -11.25 20.01
N GLN A 637 -3.21 -12.32 19.22
CA GLN A 637 -4.54 -12.79 18.81
C GLN A 637 -5.36 -13.31 19.97
N LYS A 638 -4.68 -13.71 21.05
CA LYS A 638 -5.37 -14.16 22.25
C LYS A 638 -6.05 -12.97 22.92
N PHE A 639 -5.49 -11.78 22.70
CA PHE A 639 -6.03 -10.51 23.21
C PHE A 639 -6.47 -10.56 24.66
N SER B 7 -13.60 14.87 -4.42
CA SER B 7 -14.68 15.81 -4.72
C SER B 7 -14.29 17.24 -4.36
N LYS B 8 -14.04 18.05 -5.38
CA LYS B 8 -13.61 19.44 -5.18
C LYS B 8 -14.70 20.31 -4.57
N GLU B 9 -15.95 19.86 -4.66
CA GLU B 9 -17.06 20.61 -4.08
C GLU B 9 -17.11 20.41 -2.56
N ASP B 10 -16.61 19.28 -2.09
CA ASP B 10 -16.52 19.03 -0.65
C ASP B 10 -15.19 19.56 -0.12
N ASP B 11 -14.22 19.67 -1.01
CA ASP B 11 -12.95 20.32 -0.68
C ASP B 11 -13.20 21.77 -0.29
N THR B 12 -13.97 22.47 -1.13
CA THR B 12 -14.29 23.87 -0.90
C THR B 12 -14.99 24.07 0.44
N LEU B 13 -15.99 23.23 0.71
CA LEU B 13 -16.75 23.31 1.94
C LEU B 13 -15.83 23.14 3.16
N ARG B 14 -14.99 22.10 3.13
CA ARG B 14 -14.06 21.82 4.22
C ARG B 14 -13.08 22.97 4.41
N ARG B 15 -12.70 23.59 3.29
CA ARG B 15 -11.80 24.72 3.28
C ARG B 15 -12.48 25.96 3.89
N PHE B 16 -13.64 26.32 3.34
CA PHE B 16 -14.39 27.49 3.81
C PHE B 16 -14.70 27.38 5.30
N ARG B 17 -15.09 26.19 5.73
CA ARG B 17 -15.42 25.99 7.14
C ARG B 17 -14.20 26.19 8.04
N TYR B 18 -13.03 25.83 7.54
CA TYR B 18 -11.78 26.04 8.27
C TYR B 18 -11.40 27.53 8.35
N LEU B 19 -11.71 28.27 7.30
CA LEU B 19 -11.32 29.68 7.20
C LEU B 19 -12.16 30.59 8.08
N LEU B 20 -13.44 30.24 8.26
CA LEU B 20 -14.38 31.10 8.97
C LEU B 20 -14.02 31.36 10.44
N GLY B 21 -13.13 30.53 11.00
CA GLY B 21 -12.69 30.71 12.38
C GLY B 21 -11.47 31.61 12.51
N LEU B 22 -10.89 32.00 11.39
CA LEU B 22 -9.67 32.80 11.39
C LEU B 22 -9.96 34.30 11.22
N THR B 23 -10.56 34.90 12.25
CA THR B 23 -11.14 36.24 12.20
C THR B 23 -12.20 36.32 11.10
N ASP B 24 -12.70 37.52 10.81
CA ASP B 24 -13.73 37.67 9.78
C ASP B 24 -13.12 38.00 8.43
N LEU B 25 -11.79 38.08 8.37
CA LEU B 25 -11.10 38.45 7.15
C LEU B 25 -11.51 37.58 5.97
N PHE B 26 -11.47 36.26 6.15
CA PHE B 26 -11.82 35.34 5.07
C PHE B 26 -13.32 35.36 4.76
N ARG B 27 -14.14 35.37 5.81
CA ARG B 27 -15.58 35.50 5.65
C ARG B 27 -15.92 36.69 4.75
N HIS B 28 -15.25 37.81 4.97
CA HIS B 28 -15.48 39.01 4.17
C HIS B 28 -15.17 38.81 2.69
N PHE B 29 -14.01 38.24 2.38
CA PHE B 29 -13.61 38.03 0.98
C PHE B 29 -14.44 36.94 0.28
N ILE B 30 -15.09 36.09 1.06
CA ILE B 30 -15.97 35.07 0.50
C ILE B 30 -17.39 35.61 0.32
N GLU B 31 -17.95 36.20 1.37
CA GLU B 31 -19.27 36.82 1.32
C GLU B 31 -19.42 37.78 0.16
N THR B 32 -18.39 38.59 -0.06
CA THR B 32 -18.42 39.64 -1.07
C THR B 32 -17.61 39.25 -2.29
N ASN B 33 -17.40 37.96 -2.48
CA ASN B 33 -16.60 37.48 -3.59
C ASN B 33 -17.25 37.77 -4.94
N PRO B 34 -16.45 38.22 -5.92
CA PRO B 34 -16.90 38.45 -7.29
C PRO B 34 -17.56 37.23 -7.92
N ASN B 35 -17.02 36.04 -7.63
CA ASN B 35 -17.57 34.80 -8.14
C ASN B 35 -18.88 34.46 -7.43
N PRO B 36 -19.97 34.35 -8.22
CA PRO B 36 -21.29 33.99 -7.70
C PRO B 36 -21.31 32.61 -7.05
N LYS B 37 -20.63 31.64 -7.67
CA LYS B 37 -20.57 30.28 -7.14
C LYS B 37 -19.99 30.24 -5.73
N ILE B 38 -19.02 31.11 -5.47
CA ILE B 38 -18.39 31.22 -4.16
C ILE B 38 -19.39 31.73 -3.13
N ARG B 39 -20.18 32.73 -3.53
CA ARG B 39 -21.22 33.28 -2.67
C ARG B 39 -22.24 32.22 -2.26
N GLU B 40 -22.67 31.42 -3.25
CA GLU B 40 -23.69 30.40 -3.03
C GLU B 40 -23.35 29.43 -1.89
N ILE B 41 -22.14 28.90 -1.93
CA ILE B 41 -21.68 27.98 -0.90
C ILE B 41 -21.69 28.65 0.48
N MET B 42 -21.26 29.90 0.52
CA MET B 42 -21.23 30.67 1.75
C MET B 42 -22.66 30.94 2.25
N LYS B 43 -23.57 31.22 1.33
CA LYS B 43 -24.98 31.37 1.68
C LYS B 43 -25.51 30.08 2.29
N GLU B 44 -25.10 28.95 1.70
CA GLU B 44 -25.53 27.63 2.14
C GLU B 44 -25.12 27.33 3.58
N ILE B 45 -23.88 27.66 3.93
CA ILE B 45 -23.42 27.38 5.28
C ILE B 45 -24.04 28.38 6.25
N ASP B 46 -24.38 29.56 5.74
CA ASP B 46 -25.05 30.57 6.54
C ASP B 46 -26.46 30.15 6.92
N ARG B 47 -27.26 29.77 5.94
CA ARG B 47 -28.65 29.39 6.22
C ARG B 47 -28.69 28.14 7.08
N GLN B 48 -27.70 27.28 6.90
CA GLN B 48 -27.56 26.10 7.74
C GLN B 48 -27.25 26.51 9.18
N ASN B 49 -26.38 27.51 9.33
CA ASN B 49 -26.07 28.05 10.65
C ASN B 49 -27.25 28.79 11.26
N GLU B 50 -28.09 29.36 10.41
CA GLU B 50 -29.29 30.04 10.87
C GLU B 50 -30.26 29.03 11.48
N GLU B 51 -30.51 27.95 10.74
CA GLU B 51 -31.44 26.92 11.20
C GLU B 51 -30.98 26.27 12.50
N GLU B 52 -29.70 25.95 12.60
CA GLU B 52 -29.18 25.34 13.81
C GLU B 52 -29.30 26.29 15.00
N ALA B 53 -29.17 27.58 14.75
CA ALA B 53 -29.32 28.58 15.80
C ALA B 53 -30.75 28.67 16.30
N ARG B 54 -31.70 28.44 15.39
CA ARG B 54 -33.12 28.46 15.76
C ARG B 54 -33.45 27.33 16.75
N GLN B 55 -32.83 26.17 16.54
CA GLN B 55 -33.11 24.99 17.36
C GLN B 55 -32.13 24.81 18.51
N ARG B 56 -31.69 25.90 19.12
CA ARG B 56 -30.76 25.84 20.24
C ARG B 56 -31.04 26.88 21.32
N LYS B 57 -30.53 26.61 22.53
CA LYS B 57 -30.69 27.50 23.66
C LYS B 57 -29.34 28.04 24.12
N ARG B 58 -29.35 29.04 24.98
CA ARG B 58 -28.12 29.80 25.29
C ARG B 58 -27.41 29.50 26.63
N GLY B 59 -27.89 28.51 27.38
CA GLY B 59 -27.27 28.15 28.64
C GLY B 59 -28.13 28.39 29.88
N GLY B 60 -28.71 27.30 30.40
CA GLY B 60 -29.63 27.35 31.52
C GLY B 60 -29.13 27.76 32.88
N ARG B 61 -27.95 27.26 33.26
CA ARG B 61 -27.55 27.24 34.68
C ARG B 61 -27.39 28.61 35.34
N GLN B 62 -27.95 28.77 36.54
CA GLN B 62 -27.96 30.08 37.21
C GLN B 62 -26.57 30.57 37.64
N GLY B 63 -25.74 29.67 38.15
CA GLY B 63 -24.36 29.98 38.50
C GLY B 63 -23.52 30.10 37.25
N GLY B 64 -24.19 29.92 36.12
CA GLY B 64 -23.63 29.53 34.84
C GLY B 64 -22.87 30.55 34.01
N ALA B 65 -22.29 30.06 32.92
CA ALA B 65 -21.62 30.92 31.94
C ALA B 65 -22.61 31.85 31.29
N THR B 66 -22.14 33.07 31.01
CA THR B 66 -23.01 34.12 30.49
C THR B 66 -22.83 34.28 28.99
N SER B 67 -21.97 33.47 28.38
CA SER B 67 -21.55 33.73 27.00
C SER B 67 -22.68 33.54 25.99
N GLU B 68 -22.41 33.94 24.75
CA GLU B 68 -23.47 34.09 23.76
C GLU B 68 -23.63 32.91 22.80
N ARG B 69 -22.84 31.85 22.96
CA ARG B 69 -22.97 30.74 22.01
C ARG B 69 -24.22 29.95 22.36
N ARG B 70 -24.73 29.23 21.39
CA ARG B 70 -25.96 28.51 21.62
C ARG B 70 -25.64 27.03 21.79
N ARG B 71 -26.03 26.48 22.94
CA ARG B 71 -25.74 25.09 23.27
C ARG B 71 -26.66 24.14 22.48
N ARG B 72 -26.15 22.95 22.17
CA ARG B 72 -26.86 22.05 21.29
C ARG B 72 -27.89 21.22 22.03
N THR B 73 -28.92 20.79 21.33
CA THR B 73 -29.94 19.90 21.87
C THR B 73 -29.32 18.54 22.18
N GLU B 74 -29.86 17.86 23.19
CA GLU B 74 -29.44 16.49 23.46
C GLU B 74 -29.66 15.63 22.22
N ALA B 75 -30.78 15.86 21.55
CA ALA B 75 -31.12 15.12 20.33
C ALA B 75 -30.14 15.40 19.21
N GLU B 76 -29.76 16.67 19.07
CA GLU B 76 -28.89 17.12 18.00
C GLU B 76 -27.50 16.50 18.11
N GLU B 77 -26.95 16.49 19.32
CA GLU B 77 -25.62 15.94 19.56
C GLU B 77 -25.64 14.42 19.56
N ASP B 78 -26.74 13.82 20.02
CA ASP B 78 -26.92 12.37 19.94
C ASP B 78 -26.82 11.91 18.49
N ALA B 79 -27.45 12.65 17.58
CA ALA B 79 -27.42 12.33 16.16
C ALA B 79 -26.00 12.42 15.60
N GLU B 80 -25.21 13.34 16.12
CA GLU B 80 -23.84 13.52 15.64
C GLU B 80 -22.92 12.44 16.19
N LEU B 81 -23.06 12.12 17.47
CA LEU B 81 -22.27 11.07 18.09
C LEU B 81 -22.54 9.71 17.43
N LEU B 82 -23.81 9.47 17.13
CA LEU B 82 -24.23 8.24 16.46
C LEU B 82 -23.61 8.14 15.07
N LYS B 83 -23.81 9.18 14.28
CA LYS B 83 -23.26 9.24 12.93
C LYS B 83 -21.74 9.06 12.93
N ASP B 84 -21.09 9.64 13.94
CA ASP B 84 -19.65 9.52 14.09
C ASP B 84 -19.23 8.11 14.48
N GLU B 85 -20.04 7.47 15.33
CA GLU B 85 -19.78 6.10 15.75
C GLU B 85 -19.89 5.10 14.58
N LYS B 86 -20.77 5.40 13.63
CA LYS B 86 -20.91 4.57 12.45
C LYS B 86 -19.66 4.61 11.56
N ASP B 87 -18.76 5.56 11.82
CA ASP B 87 -17.58 5.73 10.98
C ASP B 87 -16.28 5.58 11.77
N GLY B 88 -16.36 4.91 12.91
CA GLY B 88 -15.20 4.59 13.71
C GLY B 88 -14.43 5.77 14.29
N GLY B 89 -15.04 6.94 14.27
CA GLY B 89 -14.41 8.14 14.79
C GLY B 89 -13.82 9.03 13.71
N SER B 90 -12.92 9.92 14.10
CA SER B 90 -12.27 10.83 13.15
C SER B 90 -11.44 10.07 12.13
N ALA B 91 -11.14 10.72 11.01
CA ALA B 91 -10.37 10.10 9.95
C ALA B 91 -8.88 10.43 10.06
N GLU B 92 -8.50 11.13 11.12
CA GLU B 92 -7.16 11.69 11.24
C GLU B 92 -6.02 10.66 11.23
N THR B 93 -4.95 11.01 10.53
CA THR B 93 -3.73 10.21 10.48
C THR B 93 -2.62 10.96 11.22
N VAL B 94 -1.99 10.31 12.18
CA VAL B 94 -0.86 10.90 12.87
C VAL B 94 0.24 9.87 13.05
N PHE B 95 1.42 10.16 12.50
CA PHE B 95 2.54 9.23 12.64
C PHE B 95 3.26 9.44 13.97
N ARG B 96 3.51 8.34 14.67
CA ARG B 96 4.29 8.37 15.91
C ARG B 96 5.75 8.12 15.62
N GLU B 97 6.04 7.56 14.44
CA GLU B 97 7.41 7.26 14.07
C GLU B 97 7.60 7.44 12.58
N SER B 98 8.84 7.36 12.14
CA SER B 98 9.18 7.47 10.72
C SER B 98 8.42 6.38 9.97
N PRO B 99 7.66 6.77 8.93
CA PRO B 99 6.79 5.84 8.21
C PRO B 99 7.55 4.74 7.45
N PRO B 100 6.95 3.55 7.36
CA PRO B 100 7.59 2.38 6.72
C PRO B 100 7.86 2.61 5.23
N PHE B 101 7.08 3.46 4.57
CA PHE B 101 7.31 3.75 3.17
C PHE B 101 8.48 4.71 2.92
N ILE B 102 9.00 5.31 3.98
CA ILE B 102 10.21 6.10 3.86
C ILE B 102 11.42 5.21 4.07
N GLN B 103 12.25 5.08 3.04
CA GLN B 103 13.39 4.18 3.15
C GLN B 103 14.56 4.90 3.79
N GLY B 104 14.44 5.07 5.11
CA GLY B 104 15.34 5.90 5.88
C GLY B 104 14.64 6.30 7.16
N THR B 105 15.22 7.22 7.91
CA THR B 105 14.63 7.62 9.19
C THR B 105 14.44 9.14 9.27
N MET B 106 13.25 9.55 9.67
CA MET B 106 12.97 10.95 9.86
C MET B 106 13.23 11.34 11.32
N ARG B 107 13.74 12.55 11.51
CA ARG B 107 13.89 13.13 12.84
C ARG B 107 12.51 13.45 13.40
N ASP B 108 12.42 13.58 14.72
CA ASP B 108 11.16 13.93 15.38
C ASP B 108 10.47 15.16 14.79
N TYR B 109 11.27 16.20 14.54
CA TYR B 109 10.72 17.45 14.02
C TYR B 109 10.27 17.31 12.57
N GLN B 110 10.82 16.32 11.87
CA GLN B 110 10.40 16.03 10.51
C GLN B 110 9.09 15.22 10.50
N ILE B 111 8.94 14.34 11.48
CA ILE B 111 7.68 13.60 11.66
C ILE B 111 6.55 14.59 11.99
N ALA B 112 6.86 15.59 12.81
CA ALA B 112 5.89 16.64 13.15
C ALA B 112 5.54 17.50 11.93
N GLY B 113 6.55 17.82 11.12
CA GLY B 113 6.31 18.48 9.86
C GLY B 113 5.40 17.66 8.95
N LEU B 114 5.66 16.37 8.86
CA LEU B 114 4.84 15.46 8.08
C LEU B 114 3.40 15.51 8.57
N ASN B 115 3.21 15.39 9.89
CA ASN B 115 1.89 15.40 10.48
C ASN B 115 1.16 16.71 10.26
N TRP B 116 1.93 17.78 10.19
CA TRP B 116 1.38 19.10 9.94
C TRP B 116 0.87 19.20 8.50
N LEU B 117 1.69 18.74 7.56
CA LEU B 117 1.28 18.71 6.15
C LEU B 117 0.04 17.85 5.93
N ILE B 118 -0.01 16.72 6.63
CA ILE B 118 -1.17 15.83 6.57
C ILE B 118 -2.41 16.58 7.04
N SER B 119 -2.26 17.28 8.15
CA SER B 119 -3.33 18.07 8.75
C SER B 119 -3.89 19.12 7.80
N LEU B 120 -3.02 19.78 7.05
CA LEU B 120 -3.46 20.71 6.00
C LEU B 120 -4.32 19.98 4.98
N HIS B 121 -3.83 18.84 4.51
CA HIS B 121 -4.54 18.11 3.46
C HIS B 121 -5.92 17.66 3.91
N GLU B 122 -6.05 17.23 5.16
CA GLU B 122 -7.35 16.77 5.63
C GLU B 122 -8.30 17.93 5.92
N ASN B 123 -7.76 19.13 6.00
CA ASN B 123 -8.59 20.31 6.12
C ASN B 123 -8.79 21.01 4.77
N GLY B 124 -8.24 20.42 3.72
CA GLY B 124 -8.43 20.93 2.37
C GLY B 124 -7.69 22.22 2.06
N ILE B 125 -6.66 22.54 2.84
CA ILE B 125 -5.93 23.77 2.62
C ILE B 125 -4.48 23.56 2.15
N SER B 126 -3.99 24.53 1.40
CA SER B 126 -2.61 24.57 0.96
C SER B 126 -1.73 25.17 2.06
N GLY B 127 -0.42 25.04 1.92
CA GLY B 127 0.46 25.51 2.97
C GLY B 127 1.85 25.95 2.55
N ILE B 128 2.57 26.51 3.50
CA ILE B 128 3.93 27.00 3.28
C ILE B 128 4.86 26.31 4.26
N LEU B 129 5.80 25.53 3.74
CA LEU B 129 6.83 24.93 4.57
C LEU B 129 8.05 25.84 4.52
N ALA B 130 8.29 26.56 5.62
CA ALA B 130 9.30 27.61 5.62
C ALA B 130 10.45 27.37 6.60
N ASP B 131 10.73 26.09 6.89
CA ASP B 131 11.86 25.72 7.75
C ASP B 131 13.16 26.30 7.22
N GLU B 132 14.07 26.63 8.12
CA GLU B 132 15.41 27.08 7.76
C GLU B 132 16.14 26.02 6.96
N MET B 133 16.95 26.45 6.00
CA MET B 133 17.75 25.56 5.17
C MET B 133 18.57 24.59 6.04
N GLY B 134 18.51 23.32 5.68
CA GLY B 134 19.21 22.28 6.42
C GLY B 134 18.32 21.40 7.29
N LEU B 135 17.03 21.74 7.35
CA LEU B 135 16.11 20.95 8.17
C LEU B 135 15.40 19.85 7.37
N GLY B 136 15.83 19.64 6.14
CA GLY B 136 15.33 18.55 5.32
C GLY B 136 13.90 18.74 4.89
N LYS B 137 13.61 19.88 4.28
CA LYS B 137 12.25 20.16 3.80
C LYS B 137 11.89 19.23 2.64
N THR B 138 12.91 18.78 1.91
CA THR B 138 12.72 17.90 0.77
C THR B 138 12.21 16.54 1.24
N LEU B 139 12.82 16.02 2.30
CA LEU B 139 12.43 14.74 2.88
C LEU B 139 11.01 14.82 3.43
N GLN B 140 10.70 15.93 4.10
CA GLN B 140 9.38 16.14 4.67
C GLN B 140 8.31 16.16 3.60
N THR B 141 8.58 16.88 2.51
CA THR B 141 7.65 16.97 1.41
C THR B 141 7.45 15.61 0.74
N ILE B 142 8.56 14.90 0.54
CA ILE B 142 8.53 13.58 -0.08
C ILE B 142 7.75 12.59 0.79
N ALA B 143 7.94 12.66 2.10
CA ALA B 143 7.19 11.83 3.03
C ALA B 143 5.70 12.12 2.92
N PHE B 144 5.35 13.39 2.75
CA PHE B 144 3.96 13.77 2.64
C PHE B 144 3.30 13.18 1.39
N LEU B 145 3.98 13.30 0.26
CA LEU B 145 3.50 12.66 -0.96
C LEU B 145 3.42 11.14 -0.81
N GLY B 146 4.34 10.57 -0.04
CA GLY B 146 4.29 9.15 0.28
C GLY B 146 3.06 8.79 1.10
N TYR B 147 2.67 9.68 2.01
CA TYR B 147 1.43 9.53 2.78
C TYR B 147 0.22 9.54 1.84
N LEU B 148 0.24 10.41 0.84
CA LEU B 148 -0.84 10.45 -0.13
C LEU B 148 -0.95 9.12 -0.86
N ARG B 149 0.19 8.57 -1.25
CA ARG B 149 0.22 7.31 -1.97
C ARG B 149 -0.23 6.14 -1.10
N HIS B 150 0.49 5.90 0.00
CA HIS B 150 0.30 4.66 0.75
C HIS B 150 -0.91 4.65 1.69
N ILE B 151 -1.40 5.82 2.07
CA ILE B 151 -2.53 5.88 2.98
C ILE B 151 -3.82 6.35 2.30
N MET B 152 -3.71 7.33 1.40
CA MET B 152 -4.89 7.94 0.79
C MET B 152 -5.17 7.40 -0.62
N GLY B 153 -4.28 6.57 -1.13
CA GLY B 153 -4.44 6.01 -2.45
C GLY B 153 -4.34 7.03 -3.58
N ILE B 154 -3.57 8.08 -3.35
CA ILE B 154 -3.36 9.13 -4.36
C ILE B 154 -1.91 9.12 -4.84
N THR B 155 -1.70 8.73 -6.10
CA THR B 155 -0.34 8.59 -6.62
C THR B 155 0.18 9.83 -7.34
N GLY B 156 -0.74 10.71 -7.71
CA GLY B 156 -0.39 11.86 -8.52
C GLY B 156 -1.55 12.21 -9.44
N PRO B 157 -1.28 12.98 -10.51
CA PRO B 157 0.04 13.52 -10.84
C PRO B 157 0.39 14.75 -10.00
N HIS B 158 1.65 14.85 -9.60
CA HIS B 158 2.13 15.99 -8.84
C HIS B 158 3.14 16.77 -9.68
N LEU B 159 3.17 18.08 -9.51
CA LEU B 159 4.14 18.92 -10.21
C LEU B 159 5.05 19.61 -9.22
N VAL B 160 6.35 19.41 -9.38
CA VAL B 160 7.35 20.02 -8.50
C VAL B 160 8.27 20.90 -9.32
N THR B 161 8.20 22.21 -9.11
CA THR B 161 9.03 23.13 -9.86
C THR B 161 10.15 23.71 -9.00
N VAL B 162 11.37 23.63 -9.52
CA VAL B 162 12.57 23.93 -8.74
C VAL B 162 13.60 24.72 -9.55
N PRO B 163 14.57 25.35 -8.88
CA PRO B 163 15.69 25.95 -9.63
C PRO B 163 16.56 24.86 -10.25
N LYS B 164 17.19 25.16 -11.39
CA LYS B 164 17.96 24.16 -12.13
C LYS B 164 19.03 23.48 -11.30
N SER B 165 19.62 24.23 -10.36
CA SER B 165 20.68 23.72 -9.51
C SER B 165 20.22 22.60 -8.60
N THR B 166 18.96 22.68 -8.15
CA THR B 166 18.43 21.73 -7.19
C THR B 166 17.80 20.50 -7.84
N LEU B 167 17.72 20.50 -9.17
CA LEU B 167 17.06 19.43 -9.92
C LEU B 167 17.58 18.03 -9.59
N ASP B 168 18.90 17.88 -9.57
CA ASP B 168 19.50 16.58 -9.31
C ASP B 168 19.21 16.10 -7.91
N ASN B 169 19.23 17.01 -6.94
CA ASN B 169 18.97 16.64 -5.56
C ASN B 169 17.56 16.07 -5.36
N TRP B 170 16.55 16.79 -5.87
CA TRP B 170 15.17 16.32 -5.79
C TRP B 170 15.01 14.94 -6.40
N LYS B 171 15.67 14.75 -7.54
CA LYS B 171 15.63 13.49 -8.26
C LYS B 171 16.21 12.35 -7.42
N ARG B 172 17.35 12.61 -6.82
CA ARG B 172 18.02 11.61 -5.99
C ARG B 172 17.22 11.28 -4.74
N GLU B 173 16.64 12.32 -4.12
CA GLU B 173 15.94 12.14 -2.85
C GLU B 173 14.66 11.33 -3.03
N PHE B 174 13.93 11.61 -4.11
CA PHE B 174 12.80 10.77 -4.48
C PHE B 174 13.26 9.33 -4.66
N GLU B 175 14.35 9.16 -5.39
CA GLU B 175 14.89 7.84 -5.65
C GLU B 175 15.33 7.14 -4.36
N LYS B 176 15.91 7.91 -3.44
CA LYS B 176 16.35 7.36 -2.17
C LYS B 176 15.21 7.02 -1.21
N TRP B 177 14.35 8.00 -0.90
CA TRP B 177 13.33 7.82 0.13
C TRP B 177 12.16 6.95 -0.32
N THR B 178 11.70 7.15 -1.55
CA THR B 178 10.54 6.43 -2.06
C THR B 178 10.72 6.00 -3.53
N PRO B 179 11.51 4.94 -3.77
CA PRO B 179 11.86 4.44 -5.10
C PRO B 179 10.65 4.05 -5.97
N GLU B 180 9.57 3.61 -5.33
CA GLU B 180 8.36 3.22 -6.05
C GLU B 180 7.72 4.38 -6.81
N VAL B 181 8.06 5.61 -6.46
CA VAL B 181 7.47 6.77 -7.12
C VAL B 181 8.08 7.00 -8.48
N ASN B 182 7.23 7.00 -9.50
CA ASN B 182 7.64 7.20 -10.88
C ASN B 182 7.91 8.69 -11.15
N VAL B 183 9.20 9.03 -11.25
CA VAL B 183 9.61 10.43 -11.41
C VAL B 183 10.04 10.76 -12.85
N LEU B 184 9.47 11.84 -13.39
CA LEU B 184 9.84 12.35 -14.69
C LEU B 184 10.49 13.72 -14.56
N VAL B 185 11.74 13.84 -15.01
CA VAL B 185 12.43 15.11 -14.97
C VAL B 185 12.45 15.77 -16.34
N LEU B 186 12.01 17.02 -16.40
CA LEU B 186 11.98 17.76 -17.66
C LEU B 186 13.22 18.63 -17.83
N GLN B 187 14.10 18.21 -18.74
CA GLN B 187 15.34 18.93 -19.01
C GLN B 187 15.80 18.75 -20.46
N GLY B 188 16.84 19.48 -20.84
CA GLY B 188 17.46 19.32 -22.14
C GLY B 188 17.04 20.32 -23.21
N ALA B 189 17.49 20.09 -24.44
CA ALA B 189 17.15 20.95 -25.55
C ALA B 189 15.79 20.54 -26.14
N LYS B 190 15.41 21.16 -27.25
CA LYS B 190 14.11 20.89 -27.86
C LYS B 190 13.98 19.47 -28.41
N GLU B 191 15.11 18.83 -28.68
CA GLU B 191 15.11 17.46 -29.18
C GLU B 191 15.22 16.43 -28.06
N GLU B 192 15.79 16.84 -26.93
CA GLU B 192 15.91 15.96 -25.77
C GLU B 192 14.57 15.84 -25.05
N ARG B 193 13.67 16.78 -25.32
CA ARG B 193 12.36 16.80 -24.67
C ARG B 193 11.34 15.88 -25.35
N HIS B 194 11.23 15.99 -26.67
CA HIS B 194 10.23 15.22 -27.42
C HIS B 194 10.44 13.71 -27.27
N GLN B 195 11.66 13.31 -26.93
CA GLN B 195 11.97 11.92 -26.67
C GLN B 195 11.31 11.47 -25.37
N LEU B 196 11.21 12.38 -24.41
CA LEU B 196 10.56 12.10 -23.14
C LEU B 196 9.05 12.28 -23.23
N ILE B 197 8.60 13.38 -23.80
CA ILE B 197 7.18 13.71 -23.86
C ILE B 197 6.31 12.61 -24.47
N ASN B 198 6.73 12.08 -25.61
CA ASN B 198 5.95 11.06 -26.31
C ASN B 198 5.69 9.80 -25.48
N ASP B 199 6.74 9.27 -24.87
CA ASP B 199 6.63 8.04 -24.09
C ASP B 199 6.26 8.31 -22.64
N ARG B 200 6.45 9.56 -22.19
CA ARG B 200 6.24 9.87 -20.78
C ARG B 200 5.27 11.03 -20.50
N LEU B 201 5.67 12.26 -20.82
CA LEU B 201 4.91 13.44 -20.39
C LEU B 201 3.47 13.50 -20.90
N VAL B 202 3.29 13.49 -22.21
CA VAL B 202 1.95 13.57 -22.79
C VAL B 202 1.13 12.31 -22.48
N ASP B 203 1.82 11.23 -22.15
CA ASP B 203 1.19 9.95 -21.87
C ASP B 203 0.75 9.82 -20.40
N GLU B 204 1.16 10.79 -19.58
CA GLU B 204 0.99 10.73 -18.12
C GLU B 204 1.66 9.47 -17.57
N ASN B 205 2.85 9.19 -18.10
CA ASN B 205 3.66 8.07 -17.63
C ASN B 205 4.59 8.53 -16.51
N PHE B 206 3.97 9.07 -15.46
CA PHE B 206 4.71 9.57 -14.30
C PHE B 206 3.75 9.76 -13.12
N ASP B 207 4.31 9.78 -11.91
CA ASP B 207 3.55 10.12 -10.71
C ASP B 207 3.87 11.56 -10.38
N VAL B 208 5.15 11.88 -10.45
CA VAL B 208 5.66 13.20 -10.12
C VAL B 208 6.44 13.77 -11.30
N CYS B 209 6.16 15.03 -11.63
CA CYS B 209 6.93 15.70 -12.66
C CYS B 209 7.78 16.80 -12.03
N ILE B 210 9.10 16.59 -12.01
CA ILE B 210 10.03 17.62 -11.53
C ILE B 210 10.50 18.49 -12.70
N THR B 211 10.35 19.80 -12.54
CA THR B 211 10.62 20.73 -13.63
C THR B 211 11.42 21.92 -13.14
N SER B 212 12.30 22.45 -13.99
CA SER B 212 12.98 23.70 -13.68
C SER B 212 12.02 24.85 -13.92
N TYR B 213 12.34 26.03 -13.38
CA TYR B 213 11.53 27.22 -13.64
C TYR B 213 11.45 27.50 -15.14
N GLU B 214 12.58 27.34 -15.82
CA GLU B 214 12.65 27.56 -17.27
C GLU B 214 11.67 26.67 -18.04
N MET B 215 11.79 25.37 -17.86
CA MET B 215 11.03 24.40 -18.64
C MET B 215 9.52 24.48 -18.37
N ILE B 216 9.13 25.20 -17.32
CA ILE B 216 7.71 25.43 -17.04
C ILE B 216 7.09 26.25 -18.17
N LEU B 217 7.80 27.29 -18.59
CA LEU B 217 7.33 28.16 -19.66
C LEU B 217 7.34 27.46 -21.02
N ARG B 218 8.46 26.83 -21.35
CA ARG B 218 8.63 26.22 -22.66
C ARG B 218 7.77 24.96 -22.87
N GLU B 219 7.15 24.47 -21.80
CA GLU B 219 6.31 23.28 -21.90
C GLU B 219 4.94 23.46 -21.25
N LYS B 220 4.59 24.71 -20.97
CA LYS B 220 3.34 25.04 -20.28
C LYS B 220 2.11 24.47 -21.00
N ALA B 221 2.17 24.40 -22.32
CA ALA B 221 1.06 23.91 -23.13
C ALA B 221 0.73 22.47 -22.78
N HIS B 222 1.77 21.66 -22.57
CA HIS B 222 1.59 20.25 -22.23
C HIS B 222 1.25 20.08 -20.75
N LEU B 223 1.82 20.94 -19.92
CA LEU B 223 1.61 20.87 -18.48
C LEU B 223 0.19 21.26 -18.10
N LYS B 224 -0.42 22.13 -18.90
CA LYS B 224 -1.78 22.62 -18.62
C LYS B 224 -2.86 21.55 -18.83
N LYS B 225 -2.50 20.48 -19.51
CA LYS B 225 -3.47 19.44 -19.84
C LYS B 225 -3.86 18.59 -18.63
N PHE B 226 -3.02 18.59 -17.60
CA PHE B 226 -3.23 17.70 -16.45
C PHE B 226 -3.97 18.36 -15.30
N ALA B 227 -4.85 17.59 -14.67
CA ALA B 227 -5.48 17.99 -13.42
C ALA B 227 -4.57 17.56 -12.28
N TRP B 228 -3.67 18.45 -11.88
CA TRP B 228 -2.67 18.15 -10.87
C TRP B 228 -3.26 17.97 -9.47
N GLU B 229 -2.71 17.02 -8.72
CA GLU B 229 -3.05 16.88 -7.32
C GLU B 229 -2.36 17.99 -6.52
N TYR B 230 -1.04 17.89 -6.42
CA TYR B 230 -0.25 18.94 -5.79
C TYR B 230 0.65 19.64 -6.80
N ILE B 231 0.70 20.95 -6.72
CA ILE B 231 1.76 21.69 -7.36
C ILE B 231 2.64 22.22 -6.23
N ILE B 232 3.90 21.85 -6.29
CA ILE B 232 4.85 22.24 -5.26
C ILE B 232 5.90 23.17 -5.85
N ILE B 233 6.05 24.34 -5.25
CA ILE B 233 7.05 25.29 -5.72
C ILE B 233 8.17 25.42 -4.69
N ASP B 234 9.37 25.08 -5.11
CA ASP B 234 10.54 25.17 -4.24
C ASP B 234 11.22 26.53 -4.41
N GLU B 235 11.36 27.25 -3.30
CA GLU B 235 11.94 28.60 -3.29
C GLU B 235 11.12 29.59 -4.12
N ALA B 236 10.17 30.24 -3.46
CA ALA B 236 9.42 31.36 -4.05
C ALA B 236 8.79 32.20 -2.96
N SER B 245 7.57 35.99 -13.26
CA SER B 245 6.49 35.45 -14.07
C SER B 245 6.15 34.02 -13.65
N LEU B 246 6.63 33.62 -12.47
CA LEU B 246 6.43 32.26 -11.98
C LEU B 246 4.98 32.03 -11.57
N ALA B 247 4.43 32.93 -10.78
CA ALA B 247 3.06 32.80 -10.29
C ALA B 247 2.02 32.99 -11.40
N GLN B 248 2.40 33.71 -12.45
CA GLN B 248 1.50 33.98 -13.57
C GLN B 248 1.13 32.69 -14.30
N VAL B 249 2.12 31.82 -14.51
CA VAL B 249 1.90 30.57 -15.22
C VAL B 249 1.26 29.54 -14.29
N ILE B 250 1.71 29.51 -13.04
CA ILE B 250 1.17 28.59 -12.04
C ILE B 250 -0.31 28.85 -11.80
N ARG B 251 -0.68 30.13 -11.75
CA ARG B 251 -2.08 30.53 -11.60
C ARG B 251 -2.96 29.91 -12.68
N MET B 252 -2.39 29.74 -13.87
CA MET B 252 -3.13 29.16 -14.99
C MET B 252 -3.00 27.64 -15.05
N PHE B 253 -2.71 27.02 -13.91
CA PHE B 253 -2.65 25.57 -13.83
C PHE B 253 -3.80 25.03 -12.99
N ASN B 254 -4.24 23.82 -13.28
CA ASN B 254 -5.26 23.17 -12.49
C ASN B 254 -4.61 22.30 -11.42
N SER B 255 -4.87 22.62 -10.15
CA SER B 255 -4.32 21.86 -9.03
C SER B 255 -5.30 21.77 -7.88
N ARG B 256 -5.38 20.61 -7.24
CA ARG B 256 -6.25 20.44 -6.09
C ARG B 256 -5.67 21.11 -4.84
N ASN B 257 -4.35 21.15 -4.74
CA ASN B 257 -3.68 21.80 -3.61
C ASN B 257 -2.28 22.25 -4.00
N ARG B 258 -1.70 23.13 -3.19
CA ARG B 258 -0.37 23.64 -3.47
C ARG B 258 0.50 23.66 -2.23
N LEU B 259 1.82 23.59 -2.43
CA LEU B 259 2.78 23.74 -1.34
C LEU B 259 3.87 24.71 -1.78
N LEU B 260 4.13 25.72 -0.96
CA LEU B 260 5.28 26.58 -1.17
C LEU B 260 6.38 26.17 -0.21
N ILE B 261 7.56 25.92 -0.76
CA ILE B 261 8.72 25.58 0.05
C ILE B 261 9.71 26.72 0.01
N THR B 262 9.96 27.33 1.17
CA THR B 262 10.91 28.42 1.23
C THR B 262 11.79 28.27 2.47
N GLY B 263 12.88 29.01 2.53
CA GLY B 263 13.76 28.97 3.69
C GLY B 263 13.70 30.25 4.50
N THR B 264 12.81 31.16 4.10
CA THR B 264 12.76 32.49 4.69
C THR B 264 11.44 32.77 5.42
N PRO B 265 11.50 33.55 6.51
CA PRO B 265 10.28 33.85 7.26
C PRO B 265 9.40 34.86 6.52
N LEU B 266 8.19 35.07 7.00
CA LEU B 266 7.28 36.05 6.42
C LEU B 266 7.91 37.43 6.51
N GLN B 267 7.67 38.27 5.50
CA GLN B 267 8.24 39.61 5.52
C GLN B 267 7.15 40.68 5.52
N ASN B 268 7.52 41.85 6.06
CA ASN B 268 6.62 42.99 6.16
C ASN B 268 6.46 43.69 4.82
N ASN B 269 5.69 43.07 3.94
CA ASN B 269 5.50 43.55 2.59
C ASN B 269 4.09 43.20 2.14
N LEU B 270 3.22 44.20 2.13
CA LEU B 270 1.80 43.98 1.87
C LEU B 270 1.54 43.16 0.60
N HIS B 271 2.28 43.45 -0.47
CA HIS B 271 2.05 42.78 -1.75
C HIS B 271 2.42 41.31 -1.72
N GLU B 272 3.55 41.00 -1.08
CA GLU B 272 3.99 39.62 -0.93
C GLU B 272 2.94 38.82 -0.16
N LEU B 273 2.44 39.40 0.92
CA LEU B 273 1.43 38.75 1.74
C LEU B 273 0.14 38.49 0.98
N TRP B 274 -0.27 39.44 0.14
CA TRP B 274 -1.42 39.17 -0.71
C TRP B 274 -1.09 38.06 -1.70
N ALA B 275 0.15 38.03 -2.17
CA ALA B 275 0.56 37.03 -3.15
C ALA B 275 0.51 35.62 -2.58
N LEU B 276 0.88 35.49 -1.31
CA LEU B 276 0.77 34.21 -0.60
C LEU B 276 -0.69 33.78 -0.44
N LEU B 277 -1.54 34.72 -0.03
CA LEU B 277 -2.96 34.43 0.13
C LEU B 277 -3.57 34.00 -1.20
N ASN B 278 -3.12 34.63 -2.28
CA ASN B 278 -3.60 34.29 -3.60
C ASN B 278 -3.08 32.93 -4.03
N PHE B 279 -1.85 32.63 -3.68
CA PHE B 279 -1.25 31.33 -3.96
C PHE B 279 -1.95 30.21 -3.19
N LEU B 280 -2.22 30.44 -1.90
CA LEU B 280 -2.86 29.44 -1.06
C LEU B 280 -4.35 29.30 -1.32
N LEU B 281 -5.03 30.42 -1.51
CA LEU B 281 -6.48 30.42 -1.68
C LEU B 281 -6.91 31.22 -2.91
N PRO B 282 -6.61 30.70 -4.11
CA PRO B 282 -6.85 31.47 -5.33
C PRO B 282 -8.32 31.72 -5.67
N ASP B 283 -9.24 31.06 -4.98
CA ASP B 283 -10.66 31.28 -5.23
C ASP B 283 -11.22 32.32 -4.29
N VAL B 284 -10.59 32.48 -3.13
CA VAL B 284 -10.99 33.47 -2.16
C VAL B 284 -10.32 34.81 -2.46
N PHE B 285 -9.04 34.76 -2.79
CA PHE B 285 -8.28 35.97 -3.13
C PHE B 285 -7.87 35.93 -4.59
N GLY B 286 -8.85 35.88 -5.48
CA GLY B 286 -8.61 35.74 -6.90
C GLY B 286 -7.91 36.90 -7.56
N ASP B 287 -8.31 38.12 -7.21
CA ASP B 287 -7.75 39.29 -7.88
C ASP B 287 -7.25 40.37 -6.93
N SER B 288 -6.16 41.01 -7.34
CA SER B 288 -5.52 42.08 -6.57
C SER B 288 -6.47 43.25 -6.30
N GLU B 289 -7.45 43.44 -7.16
CA GLU B 289 -8.35 44.58 -7.08
C GLU B 289 -9.23 44.54 -5.84
N ALA B 290 -9.79 43.36 -5.54
CA ALA B 290 -10.66 43.20 -4.39
C ALA B 290 -9.90 43.43 -3.09
N PHE B 291 -8.63 43.07 -3.09
CA PHE B 291 -7.78 43.28 -1.92
C PHE B 291 -7.47 44.75 -1.71
N ASP B 292 -7.15 45.45 -2.80
CA ASP B 292 -6.84 46.87 -2.71
C ASP B 292 -8.05 47.66 -2.21
N GLN B 293 -9.24 47.31 -2.71
CA GLN B 293 -10.48 47.94 -2.26
C GLN B 293 -10.79 47.61 -0.80
N TRP B 294 -10.47 46.40 -0.36
CA TRP B 294 -10.69 46.06 1.04
C TRP B 294 -9.79 46.89 1.95
N PHE B 295 -8.52 47.00 1.58
CA PHE B 295 -7.55 47.76 2.36
C PHE B 295 -7.91 49.23 2.49
N SER B 296 -8.29 49.84 1.38
CA SER B 296 -8.68 51.25 1.37
C SER B 296 -9.97 51.50 2.17
N GLY B 297 -10.82 50.49 2.25
CA GLY B 297 -12.11 50.64 2.90
C GLY B 297 -12.08 50.36 4.40
N GLN B 298 -11.04 49.67 4.86
CA GLN B 298 -10.95 49.37 6.28
C GLN B 298 -10.18 50.46 7.01
N ASP B 299 -10.06 50.34 8.32
CA ASP B 299 -9.66 51.47 9.14
C ASP B 299 -8.37 51.28 9.94
N ARG B 300 -7.59 50.26 9.61
CA ARG B 300 -6.30 50.08 10.27
C ARG B 300 -5.18 50.52 9.34
N ASP B 301 -4.15 51.12 9.91
CA ASP B 301 -3.01 51.57 9.12
C ASP B 301 -2.30 50.38 8.51
N GLN B 302 -1.44 50.66 7.53
CA GLN B 302 -0.79 49.61 6.74
C GLN B 302 0.07 48.63 7.55
N ASP B 303 0.89 49.15 8.47
CA ASP B 303 1.76 48.29 9.25
C ASP B 303 0.97 47.37 10.17
N THR B 304 -0.20 47.83 10.59
CA THR B 304 -1.10 47.02 11.41
C THR B 304 -1.78 45.94 10.57
N VAL B 305 -2.20 46.30 9.36
CA VAL B 305 -2.76 45.34 8.42
C VAL B 305 -1.74 44.24 8.08
N VAL B 306 -0.49 44.65 7.85
CA VAL B 306 0.60 43.72 7.61
C VAL B 306 0.72 42.70 8.73
N GLN B 307 0.65 43.18 9.96
CA GLN B 307 0.74 42.29 11.11
C GLN B 307 -0.48 41.38 11.24
N GLN B 308 -1.64 41.89 10.88
CA GLN B 308 -2.85 41.08 10.89
C GLN B 308 -2.77 39.97 9.85
N LEU B 309 -2.20 40.28 8.69
CA LEU B 309 -2.02 39.29 7.64
C LEU B 309 -1.04 38.20 8.06
N HIS B 310 0.02 38.57 8.78
CA HIS B 310 0.96 37.60 9.32
C HIS B 310 0.25 36.62 10.25
N ARG B 311 -0.61 37.15 11.11
CA ARG B 311 -1.31 36.35 12.11
C ARG B 311 -2.28 35.37 11.44
N VAL B 312 -2.88 35.83 10.37
CA VAL B 312 -3.83 35.05 9.58
C VAL B 312 -3.15 33.97 8.74
N LEU B 313 -1.88 34.21 8.38
CA LEU B 313 -1.12 33.26 7.58
C LEU B 313 -0.46 32.18 8.43
N ARG B 314 -0.40 32.39 9.74
CA ARG B 314 0.24 31.45 10.66
C ARG B 314 -0.22 29.99 10.53
N PRO B 315 -1.54 29.73 10.47
CA PRO B 315 -1.97 28.33 10.32
C PRO B 315 -1.51 27.66 9.02
N PHE B 316 -1.19 28.43 8.00
CA PHE B 316 -0.81 27.88 6.70
C PHE B 316 0.70 27.76 6.58
N LEU B 317 1.40 28.06 7.66
CA LEU B 317 2.85 28.18 7.61
C LEU B 317 3.54 27.43 8.73
N LEU B 318 4.52 26.60 8.38
CA LEU B 318 5.35 25.93 9.37
C LEU B 318 6.78 26.40 9.20
N ARG B 319 7.33 27.00 10.24
CA ARG B 319 8.73 27.37 10.20
C ARG B 319 9.42 27.08 11.51
N ARG B 320 10.63 26.57 11.41
CA ARG B 320 11.41 26.20 12.57
C ARG B 320 12.83 26.46 12.16
N VAL B 321 13.60 26.99 13.09
CA VAL B 321 14.99 27.32 12.83
C VAL B 321 15.85 26.34 13.59
N LYS B 322 17.11 26.23 13.19
CA LYS B 322 18.03 25.25 13.76
C LYS B 322 18.01 25.20 15.29
N SER B 323 17.90 26.36 15.93
CA SER B 323 17.86 26.38 17.39
C SER B 323 16.61 25.70 17.97
N ASP B 324 15.49 25.78 17.25
CA ASP B 324 14.28 25.08 17.66
C ASP B 324 14.49 23.57 17.65
N VAL B 325 15.14 23.11 16.61
CA VAL B 325 15.34 21.69 16.35
C VAL B 325 16.40 21.07 17.28
N GLU B 326 17.44 21.85 17.56
CA GLU B 326 18.55 21.41 18.40
C GLU B 326 18.20 21.42 19.90
N LYS B 327 17.19 22.18 20.28
CA LYS B 327 16.74 22.17 21.67
C LYS B 327 15.96 20.88 21.94
N SER B 328 15.90 20.46 23.19
CA SER B 328 15.14 19.27 23.55
C SER B 328 13.67 19.59 23.81
N LEU B 329 12.80 18.76 23.26
CA LEU B 329 11.39 18.79 23.59
C LEU B 329 11.13 17.63 24.54
N LEU B 330 10.79 17.94 25.78
CA LEU B 330 10.62 16.93 26.80
C LEU B 330 9.53 15.94 26.41
N PRO B 331 9.75 14.64 26.71
CA PRO B 331 8.76 13.60 26.44
C PRO B 331 7.50 13.82 27.26
N LYS B 332 6.33 13.49 26.72
CA LYS B 332 5.10 13.65 27.48
C LYS B 332 4.86 12.48 28.43
N LYS B 333 4.36 12.79 29.62
CA LYS B 333 3.94 11.78 30.57
C LYS B 333 2.46 11.54 30.37
N GLU B 334 2.11 10.34 29.93
CA GLU B 334 0.71 10.00 29.70
C GLU B 334 0.21 9.10 30.83
N ILE B 335 -0.84 9.54 31.52
CA ILE B 335 -1.35 8.80 32.66
C ILE B 335 -2.85 8.58 32.56
N ASN B 336 -3.27 7.31 32.64
CA ASN B 336 -4.69 6.99 32.73
C ASN B 336 -5.18 7.24 34.14
N VAL B 337 -6.37 7.80 34.26
CA VAL B 337 -6.97 8.06 35.56
C VAL B 337 -8.26 7.26 35.71
N TYR B 338 -8.20 6.22 36.54
CA TYR B 338 -9.33 5.31 36.70
C TYR B 338 -10.30 5.83 37.74
N ILE B 339 -11.56 6.00 37.33
CA ILE B 339 -12.51 6.82 38.06
C ILE B 339 -13.85 6.10 38.23
N GLY B 340 -14.44 6.25 39.42
CA GLY B 340 -15.72 5.63 39.71
C GLY B 340 -16.90 6.42 39.18
N MET B 341 -18.10 5.99 39.54
CA MET B 341 -19.33 6.66 39.14
C MET B 341 -20.17 7.05 40.35
N SER B 342 -20.87 8.17 40.25
CA SER B 342 -21.76 8.62 41.30
C SER B 342 -23.00 7.74 41.34
N GLU B 343 -23.73 7.81 42.44
CA GLU B 343 -24.98 7.07 42.59
C GLU B 343 -25.95 7.37 41.45
N MET B 344 -25.95 8.63 41.03
CA MET B 344 -26.81 9.07 39.94
C MET B 344 -26.37 8.47 38.60
N GLN B 345 -25.06 8.35 38.42
CA GLN B 345 -24.51 7.70 37.25
C GLN B 345 -24.90 6.23 37.23
N VAL B 346 -24.75 5.59 38.39
CA VAL B 346 -25.12 4.18 38.55
C VAL B 346 -26.58 3.92 38.15
N LYS B 347 -27.48 4.81 38.56
CA LYS B 347 -28.90 4.64 38.21
C LYS B 347 -29.17 4.77 36.71
N TRP B 348 -28.55 5.77 36.09
CA TRP B 348 -28.77 6.00 34.67
C TRP B 348 -28.11 4.93 33.81
N TYR B 349 -26.96 4.43 34.26
CA TYR B 349 -26.29 3.32 33.59
C TYR B 349 -27.19 2.09 33.57
N GLN B 350 -27.82 1.81 34.71
CA GLN B 350 -28.73 0.68 34.83
C GLN B 350 -29.94 0.85 33.91
N LYS B 351 -30.55 2.04 33.97
CA LYS B 351 -31.71 2.37 33.13
C LYS B 351 -31.42 2.16 31.63
N ILE B 352 -30.22 2.54 31.21
CA ILE B 352 -29.82 2.40 29.82
C ILE B 352 -29.65 0.92 29.44
N LEU B 353 -28.91 0.19 30.26
CA LEU B 353 -28.72 -1.24 30.06
C LEU B 353 -30.05 -1.98 30.06
N GLU B 354 -30.91 -1.66 31.03
CA GLU B 354 -32.18 -2.35 31.19
C GLU B 354 -33.18 -2.09 30.06
N LYS B 355 -33.19 -0.88 29.52
CA LYS B 355 -34.16 -0.54 28.48
C LYS B 355 -33.89 -1.28 27.19
N ASP B 356 -32.75 -1.97 27.15
CA ASP B 356 -32.44 -2.85 26.03
C ASP B 356 -31.71 -4.09 26.56
N ILE B 357 -32.34 -4.76 27.52
CA ILE B 357 -31.73 -5.85 28.26
C ILE B 357 -31.46 -7.11 27.42
N ASP B 358 -32.27 -7.34 26.39
CA ASP B 358 -32.10 -8.52 25.55
C ASP B 358 -30.76 -8.52 24.81
N ALA B 359 -30.40 -7.36 24.26
CA ALA B 359 -29.11 -7.22 23.58
C ALA B 359 -27.97 -7.33 24.57
N VAL B 360 -28.15 -6.72 25.73
CA VAL B 360 -27.12 -6.72 26.77
C VAL B 360 -26.79 -8.12 27.26
N ASN B 361 -27.81 -8.95 27.46
CA ASN B 361 -27.62 -10.33 27.88
C ASN B 361 -26.95 -11.15 26.78
N GLY B 362 -27.33 -10.85 25.53
CA GLY B 362 -26.78 -11.52 24.37
C GLY B 362 -27.07 -13.02 24.32
N ALA B 363 -28.27 -13.40 24.73
CA ALA B 363 -28.66 -14.81 24.72
C ALA B 363 -29.42 -15.17 23.46
N GLY B 364 -29.95 -14.15 22.79
CA GLY B 364 -30.75 -14.35 21.60
C GLY B 364 -29.96 -14.41 20.30
N GLY B 365 -30.60 -13.96 19.22
CA GLY B 365 -30.03 -14.11 17.89
C GLY B 365 -28.92 -13.13 17.52
N LYS B 366 -28.83 -12.03 18.26
CA LYS B 366 -27.88 -10.97 17.95
C LYS B 366 -28.10 -10.47 16.52
N ARG B 367 -29.37 -10.42 16.10
CA ARG B 367 -29.69 -10.09 14.72
C ARG B 367 -30.24 -8.67 14.61
N GLU B 368 -30.23 -7.94 15.72
CA GLU B 368 -30.64 -6.54 15.72
C GLU B 368 -29.60 -5.71 14.98
N SER B 369 -30.00 -4.52 14.54
CA SER B 369 -29.13 -3.67 13.75
C SER B 369 -27.92 -3.19 14.56
N LYS B 370 -26.86 -2.83 13.85
CA LYS B 370 -25.69 -2.27 14.49
C LYS B 370 -26.04 -0.92 15.12
N THR B 371 -26.98 -0.22 14.48
CA THR B 371 -27.44 1.07 14.96
C THR B 371 -27.99 1.00 16.38
N ARG B 372 -28.72 -0.08 16.67
CA ARG B 372 -29.29 -0.32 17.98
C ARG B 372 -28.19 -0.44 19.05
N LEU B 373 -27.09 -1.10 18.70
CA LEU B 373 -25.97 -1.26 19.62
C LEU B 373 -25.16 0.03 19.75
N LEU B 374 -25.12 0.80 18.67
CA LEU B 374 -24.40 2.06 18.69
C LEU B 374 -25.08 3.10 19.59
N ASN B 375 -26.41 3.15 19.53
CA ASN B 375 -27.17 4.01 20.44
C ASN B 375 -26.89 3.71 21.90
N ILE B 376 -26.85 2.42 22.25
CA ILE B 376 -26.57 2.00 23.62
C ILE B 376 -25.19 2.49 24.07
N VAL B 377 -24.18 2.23 23.24
CA VAL B 377 -22.81 2.64 23.52
C VAL B 377 -22.74 4.15 23.72
N MET B 378 -23.47 4.88 22.86
CA MET B 378 -23.52 6.33 22.94
C MET B 378 -24.09 6.81 24.27
N GLN B 379 -25.21 6.22 24.67
CA GLN B 379 -25.82 6.59 25.95
C GLN B 379 -24.89 6.28 27.13
N LEU B 380 -24.25 5.11 27.09
CA LEU B 380 -23.31 4.74 28.14
C LEU B 380 -22.12 5.68 28.16
N ARG B 381 -21.72 6.16 26.98
CA ARG B 381 -20.63 7.13 26.89
C ARG B 381 -21.01 8.45 27.56
N LYS B 382 -22.24 8.89 27.33
CA LYS B 382 -22.77 10.10 27.96
C LYS B 382 -22.83 9.96 29.48
N CYS B 383 -23.25 8.79 29.93
CA CYS B 383 -23.37 8.51 31.37
C CYS B 383 -22.02 8.57 32.07
N CYS B 384 -20.98 8.04 31.43
CA CYS B 384 -19.63 8.06 32.00
C CYS B 384 -19.08 9.47 32.05
N ASN B 385 -19.67 10.36 31.27
CA ASN B 385 -19.22 11.75 31.22
C ASN B 385 -19.91 12.59 32.29
N HIS B 386 -21.23 12.69 32.19
CA HIS B 386 -22.02 13.43 33.15
C HIS B 386 -23.50 13.11 32.97
N PRO B 387 -24.18 12.77 34.08
CA PRO B 387 -25.60 12.39 34.01
C PRO B 387 -26.48 13.52 33.49
N TYR B 388 -26.07 14.78 33.73
CA TYR B 388 -26.89 15.93 33.31
C TYR B 388 -27.07 16.01 31.79
N LEU B 389 -26.29 15.22 31.05
CA LEU B 389 -26.43 15.17 29.61
C LEU B 389 -27.77 14.52 29.20
N PHE B 390 -28.40 13.81 30.13
CA PHE B 390 -29.72 13.22 29.87
C PHE B 390 -30.83 14.16 30.30
N GLU B 391 -31.82 14.31 29.43
CA GLU B 391 -33.01 15.08 29.76
C GLU B 391 -33.68 14.53 31.01
N GLY B 392 -34.06 15.42 31.92
CA GLY B 392 -34.79 15.04 33.10
C GLY B 392 -33.90 14.53 34.23
N ALA B 393 -32.60 14.57 34.01
CA ALA B 393 -31.67 14.04 35.00
C ALA B 393 -31.29 15.09 36.04
N GLU B 394 -30.91 16.27 35.58
CA GLU B 394 -30.50 17.35 36.48
C GLU B 394 -31.64 17.73 37.41
N PRO B 395 -31.33 17.97 38.70
CA PRO B 395 -32.31 18.42 39.70
C PRO B 395 -33.23 19.48 39.12
N GLY B 396 -34.53 19.17 39.10
CA GLY B 396 -35.54 19.96 38.41
C GLY B 396 -35.50 21.45 38.64
N PRO B 397 -36.12 22.22 37.73
CA PRO B 397 -36.14 23.70 37.76
C PRO B 397 -36.31 24.27 39.17
N PRO B 398 -35.52 25.30 39.51
CA PRO B 398 -34.56 25.94 38.60
C PRO B 398 -33.23 25.19 38.54
N TYR B 399 -32.63 25.14 37.35
CA TYR B 399 -31.33 24.52 37.18
C TYR B 399 -30.23 25.49 37.57
N THR B 400 -29.42 25.10 38.54
CA THR B 400 -28.38 25.96 39.08
C THR B 400 -27.07 25.19 39.21
N THR B 401 -25.93 25.87 39.12
CA THR B 401 -24.66 25.20 39.32
C THR B 401 -24.40 25.04 40.81
N ASP B 402 -24.75 23.87 41.34
CA ASP B 402 -24.50 23.59 42.75
C ASP B 402 -23.13 22.96 42.88
N GLU B 403 -22.83 22.46 44.06
CA GLU B 403 -21.70 21.56 44.22
C GLU B 403 -22.17 20.18 43.77
N HIS B 404 -23.48 20.07 43.55
CA HIS B 404 -24.09 18.86 43.02
C HIS B 404 -23.72 18.64 41.56
N LEU B 405 -23.34 19.72 40.89
CA LEU B 405 -22.88 19.64 39.51
C LEU B 405 -21.55 18.87 39.45
N ILE B 406 -20.81 18.92 40.56
CA ILE B 406 -19.55 18.21 40.66
C ILE B 406 -19.74 16.78 41.18
N TYR B 407 -20.53 16.64 42.24
CA TYR B 407 -20.61 15.37 42.95
C TYR B 407 -21.48 14.31 42.27
N ASN B 408 -22.30 14.74 41.32
CA ASN B 408 -23.09 13.81 40.53
C ASN B 408 -22.32 13.13 39.39
N ALA B 409 -21.02 13.39 39.31
CA ALA B 409 -20.18 12.78 38.29
C ALA B 409 -18.78 12.46 38.80
N GLY B 410 -18.35 11.22 38.62
CA GLY B 410 -17.06 10.78 39.10
C GLY B 410 -15.91 11.55 38.49
N LYS B 411 -16.03 11.89 37.22
CA LYS B 411 -14.99 12.64 36.53
C LYS B 411 -14.88 14.09 37.04
N MET B 412 -16.03 14.71 37.32
CA MET B 412 -16.05 16.08 37.85
C MET B 412 -15.36 16.18 39.20
N VAL B 413 -15.61 15.19 40.06
CA VAL B 413 -15.00 15.14 41.39
C VAL B 413 -13.48 15.07 41.28
N VAL B 414 -12.99 14.19 40.43
CA VAL B 414 -11.55 14.05 40.19
C VAL B 414 -10.97 15.31 39.54
N LEU B 415 -11.70 15.85 38.57
CA LEU B 415 -11.31 17.07 37.88
C LEU B 415 -11.15 18.23 38.85
N ASP B 416 -12.16 18.41 39.69
CA ASP B 416 -12.21 19.55 40.61
C ASP B 416 -10.99 19.64 41.50
N LYS B 417 -10.53 18.49 42.00
CA LYS B 417 -9.36 18.47 42.86
C LYS B 417 -8.08 18.57 42.04
N LEU B 418 -8.10 18.01 40.83
CA LEU B 418 -6.94 18.03 39.97
C LEU B 418 -6.60 19.45 39.55
N LEU B 419 -7.63 20.20 39.15
CA LEU B 419 -7.46 21.59 38.73
C LEU B 419 -6.92 22.46 39.86
N LYS B 420 -7.46 22.24 41.06
CA LYS B 420 -7.03 22.95 42.26
C LYS B 420 -5.54 22.74 42.47
N ARG B 421 -5.08 21.52 42.26
CA ARG B 421 -3.65 21.18 42.42
C ARG B 421 -2.82 21.69 41.24
N ILE B 422 -3.44 21.78 40.07
CA ILE B 422 -2.76 22.28 38.87
C ILE B 422 -2.47 23.78 38.97
N GLN B 423 -3.44 24.54 39.48
CA GLN B 423 -3.29 25.97 39.64
C GLN B 423 -2.25 26.33 40.69
N LYS B 424 -2.22 25.56 41.77
CA LYS B 424 -1.29 25.79 42.88
C LYS B 424 0.17 25.73 42.43
N GLN B 425 0.50 24.75 41.60
CA GLN B 425 1.87 24.62 41.09
C GLN B 425 2.13 25.59 39.94
N GLY B 426 1.13 26.39 39.61
CA GLY B 426 1.27 27.40 38.58
C GLY B 426 1.32 26.84 37.18
N SER B 427 0.55 25.78 36.94
CA SER B 427 0.46 25.17 35.62
C SER B 427 -0.84 25.59 34.94
N ARG B 428 -0.88 25.43 33.62
CA ARG B 428 -2.08 25.76 32.85
C ARG B 428 -2.53 24.53 32.05
N VAL B 429 -3.82 24.40 31.82
CA VAL B 429 -4.36 23.14 31.31
C VAL B 429 -5.32 23.29 30.12
N LEU B 430 -5.18 22.38 29.16
CA LEU B 430 -6.16 22.21 28.10
C LEU B 430 -7.06 21.03 28.48
N ILE B 431 -8.35 21.18 28.23
CA ILE B 431 -9.29 20.10 28.51
C ILE B 431 -10.07 19.74 27.25
N PHE B 432 -9.85 18.53 26.74
CA PHE B 432 -10.53 18.08 25.52
C PHE B 432 -11.71 17.16 25.81
N SER B 433 -12.76 17.28 25.00
CA SER B 433 -13.86 16.34 25.07
C SER B 433 -14.48 16.12 23.70
N GLN B 434 -15.08 14.95 23.52
CA GLN B 434 -15.79 14.59 22.29
C GLN B 434 -17.10 15.33 22.20
N MET B 435 -17.65 15.71 23.35
CA MET B 435 -19.02 16.24 23.40
C MET B 435 -19.07 17.72 23.79
N SER B 436 -19.66 18.53 22.91
CA SER B 436 -19.79 19.96 23.19
C SER B 436 -20.74 20.21 24.34
N ARG B 437 -21.80 19.41 24.44
CA ARG B 437 -22.76 19.54 25.53
C ARG B 437 -22.13 19.24 26.88
N LEU B 438 -20.97 18.62 26.85
CA LEU B 438 -20.24 18.36 28.08
C LEU B 438 -19.31 19.51 28.39
N LEU B 439 -18.73 20.11 27.36
CA LEU B 439 -17.98 21.34 27.55
C LEU B 439 -18.88 22.43 28.13
N ASP B 440 -20.16 22.45 27.71
CA ASP B 440 -21.17 23.37 28.28
C ASP B 440 -21.25 23.25 29.80
N ILE B 441 -21.28 22.02 30.28
CA ILE B 441 -21.29 21.76 31.71
C ILE B 441 -19.98 22.22 32.33
N LEU B 442 -18.88 22.08 31.59
CA LEU B 442 -17.59 22.53 32.09
C LEU B 442 -17.48 24.06 32.14
N GLU B 443 -18.16 24.73 31.21
CA GLU B 443 -18.19 26.19 31.21
C GLU B 443 -18.84 26.67 32.49
N ASP B 444 -20.00 26.11 32.80
CA ASP B 444 -20.73 26.47 34.01
C ASP B 444 -19.92 26.18 35.27
N TYR B 445 -19.29 25.01 35.30
CA TYR B 445 -18.41 24.65 36.41
C TYR B 445 -17.28 25.66 36.61
N CYS B 446 -16.72 26.14 35.50
CA CYS B 446 -15.59 27.06 35.55
C CYS B 446 -15.96 28.38 36.22
N VAL B 447 -17.14 28.89 35.89
CA VAL B 447 -17.63 30.12 36.47
C VAL B 447 -17.85 29.92 37.96
N PHE B 448 -18.50 28.81 38.30
CA PHE B 448 -18.80 28.45 39.68
C PHE B 448 -17.55 28.40 40.58
N ARG B 449 -16.40 28.08 39.99
CA ARG B 449 -15.16 28.03 40.77
C ARG B 449 -14.32 29.27 40.54
N GLY B 450 -14.82 30.17 39.70
CA GLY B 450 -14.08 31.35 39.33
C GLY B 450 -12.82 31.03 38.55
N TYR B 451 -12.96 30.17 37.55
CA TYR B 451 -11.83 29.80 36.69
C TYR B 451 -11.90 30.57 35.37
N LYS B 452 -10.81 31.27 35.04
CA LYS B 452 -10.73 32.02 33.79
C LYS B 452 -10.43 31.07 32.63
N TYR B 453 -11.23 31.15 31.56
CA TYR B 453 -11.12 30.18 30.48
C TYR B 453 -11.35 30.71 29.08
N CYS B 454 -10.78 30.01 28.10
CA CYS B 454 -11.18 30.18 26.70
C CYS B 454 -11.89 28.92 26.23
N ARG B 455 -12.57 29.02 25.10
CA ARG B 455 -13.26 27.86 24.54
C ARG B 455 -13.31 27.88 23.02
N ILE B 456 -12.94 26.75 22.41
CA ILE B 456 -13.03 26.54 20.97
C ILE B 456 -13.68 25.19 20.67
N ASP B 457 -14.67 25.17 19.77
CA ASP B 457 -15.39 23.97 19.40
C ASP B 457 -15.15 23.59 17.95
N GLY B 458 -14.63 24.52 17.16
CA GLY B 458 -14.49 24.32 15.74
C GLY B 458 -15.78 24.65 15.00
N SER B 459 -16.52 25.60 15.55
CA SER B 459 -17.77 26.05 14.95
C SER B 459 -17.55 27.01 13.77
N THR B 460 -18.52 27.04 12.87
CA THR B 460 -18.50 27.99 11.76
C THR B 460 -19.43 29.17 12.05
N ALA B 461 -20.08 29.12 13.21
CA ALA B 461 -21.05 30.16 13.57
C ALA B 461 -20.38 31.28 14.36
N HIS B 462 -19.64 32.12 13.65
CA HIS B 462 -18.99 33.30 14.22
C HIS B 462 -18.18 33.02 15.49
N GLU B 463 -17.45 31.92 15.46
CA GLU B 463 -16.42 31.66 16.47
C GLU B 463 -15.08 32.11 15.88
N ASP B 464 -14.32 32.87 16.66
CA ASP B 464 -13.02 33.39 16.23
C ASP B 464 -11.93 32.70 17.03
N ARG B 465 -11.30 31.69 16.46
CA ARG B 465 -10.29 30.95 17.23
C ARG B 465 -8.95 31.67 17.35
N ILE B 466 -8.62 32.51 16.39
CA ILE B 466 -7.44 33.36 16.50
C ILE B 466 -7.53 34.28 17.72
N ALA B 467 -8.70 34.89 17.93
CA ALA B 467 -8.90 35.73 19.10
C ALA B 467 -8.71 34.94 20.38
N ALA B 468 -9.32 33.76 20.44
CA ALA B 468 -9.25 32.92 21.64
C ALA B 468 -7.87 32.32 21.86
N ILE B 469 -7.22 31.85 20.80
CA ILE B 469 -5.86 31.34 20.91
C ILE B 469 -4.95 32.43 21.46
N ASP B 470 -5.06 33.65 20.91
CA ASP B 470 -4.21 34.75 21.32
C ASP B 470 -4.47 35.19 22.76
N GLU B 471 -5.74 35.22 23.16
CA GLU B 471 -6.09 35.53 24.54
C GLU B 471 -5.44 34.57 25.54
N TYR B 472 -5.36 33.30 25.16
CA TYR B 472 -4.77 32.28 26.04
C TYR B 472 -3.25 32.32 26.02
N ASN B 473 -2.68 32.67 24.86
CA ASN B 473 -1.23 32.59 24.67
C ASN B 473 -0.44 33.85 25.03
N LYS B 474 -1.14 34.96 25.20
CA LYS B 474 -0.50 36.23 25.57
C LYS B 474 0.31 36.08 26.86
N PRO B 475 1.51 36.69 26.89
CA PRO B 475 2.30 36.65 28.12
C PRO B 475 1.54 37.33 29.25
N GLY B 476 1.56 36.72 30.44
CA GLY B 476 0.83 37.25 31.57
C GLY B 476 -0.68 37.14 31.40
N SER B 477 -1.12 36.14 30.66
CA SER B 477 -2.54 35.93 30.42
C SER B 477 -3.29 35.58 31.69
N ASP B 478 -4.52 36.06 31.78
CA ASP B 478 -5.38 35.79 32.92
C ASP B 478 -5.88 34.35 32.86
N LYS B 479 -5.91 33.80 31.65
CA LYS B 479 -6.54 32.51 31.40
C LYS B 479 -5.83 31.32 32.03
N PHE B 480 -6.62 30.37 32.51
CA PHE B 480 -6.11 29.20 33.21
C PHE B 480 -6.43 27.91 32.44
N ILE B 481 -7.70 27.79 32.04
CA ILE B 481 -8.21 26.61 31.37
C ILE B 481 -8.59 26.94 29.92
N PHE B 482 -8.31 26.01 29.01
CA PHE B 482 -8.82 26.15 27.65
C PHE B 482 -9.68 24.92 27.37
N LEU B 483 -10.96 25.16 27.10
CA LEU B 483 -11.91 24.09 26.81
C LEU B 483 -12.00 23.87 25.30
N LEU B 484 -11.88 22.62 24.87
CA LEU B 484 -11.73 22.30 23.46
C LEU B 484 -12.46 21.01 23.10
N THR B 485 -13.14 21.01 21.96
CA THR B 485 -13.61 19.75 21.39
C THR B 485 -12.38 19.04 20.82
N THR B 486 -12.45 17.72 20.76
CA THR B 486 -11.32 16.95 20.24
C THR B 486 -11.10 17.28 18.77
N ARG B 487 -12.18 17.52 18.04
CA ARG B 487 -12.10 18.00 16.65
C ARG B 487 -11.23 19.24 16.51
N ALA B 488 -11.30 20.14 17.48
CA ALA B 488 -10.55 21.39 17.43
C ALA B 488 -9.04 21.14 17.45
N GLY B 489 -8.65 20.00 18.00
CA GLY B 489 -7.26 19.58 18.00
C GLY B 489 -6.66 19.37 16.61
N GLY B 490 -7.53 19.27 15.62
CA GLY B 490 -7.10 19.09 14.23
C GLY B 490 -7.07 20.38 13.44
N LEU B 491 -7.20 21.51 14.12
CA LEU B 491 -7.25 22.80 13.43
C LEU B 491 -5.88 23.47 13.35
N GLY B 492 -4.83 22.74 13.72
CA GLY B 492 -3.47 23.24 13.61
C GLY B 492 -3.11 24.33 14.60
N ILE B 493 -3.84 24.43 15.69
CA ILE B 493 -3.63 25.48 16.68
C ILE B 493 -2.40 25.19 17.56
N ASN B 494 -1.80 26.26 18.08
CA ASN B 494 -0.63 26.14 18.96
C ASN B 494 -0.98 26.61 20.35
N LEU B 495 -0.90 25.70 21.33
CA LEU B 495 -1.22 26.03 22.71
C LEU B 495 -0.10 25.57 23.63
N THR B 496 1.13 25.95 23.29
CA THR B 496 2.32 25.58 24.05
C THR B 496 2.45 26.31 25.40
N THR B 497 1.58 27.29 25.63
CA THR B 497 1.59 28.01 26.91
C THR B 497 0.95 27.18 28.02
N ALA B 498 0.22 26.16 27.64
CA ALA B 498 -0.28 25.16 28.59
C ALA B 498 0.69 23.99 28.69
N ASP B 499 0.71 23.31 29.83
CA ASP B 499 1.67 22.23 30.05
C ASP B 499 1.00 20.98 30.58
N ILE B 500 -0.30 21.07 30.78
CA ILE B 500 -1.08 19.92 31.21
C ILE B 500 -2.29 19.75 30.28
N VAL B 501 -2.54 18.51 29.89
CA VAL B 501 -3.66 18.18 29.02
C VAL B 501 -4.55 17.16 29.70
N ILE B 502 -5.86 17.42 29.68
CA ILE B 502 -6.83 16.48 30.24
C ILE B 502 -7.78 15.99 29.16
N LEU B 503 -7.71 14.69 28.88
CA LEU B 503 -8.66 14.06 27.98
C LEU B 503 -9.82 13.60 28.85
N TYR B 504 -10.90 14.39 28.85
CA TYR B 504 -12.05 14.11 29.72
C TYR B 504 -12.71 12.81 29.29
N ASP B 505 -12.83 12.63 27.98
CA ASP B 505 -13.20 11.35 27.40
C ASP B 505 -12.31 11.12 26.18
N SER B 506 -12.28 9.89 25.67
CA SER B 506 -11.31 9.52 24.63
C SER B 506 -11.92 9.34 23.25
N ASP B 507 -11.10 9.54 22.22
CA ASP B 507 -11.54 9.31 20.86
C ASP B 507 -11.34 7.85 20.50
N TRP B 508 -12.28 7.31 19.72
CA TRP B 508 -12.16 5.93 19.24
C TRP B 508 -10.92 5.77 18.35
N ASN B 509 -10.50 6.88 17.75
CA ASN B 509 -9.25 6.91 17.00
C ASN B 509 -8.18 7.59 17.85
N PRO B 510 -7.30 6.80 18.46
CA PRO B 510 -6.21 7.30 19.31
C PRO B 510 -5.38 8.39 18.64
N GLN B 511 -5.28 8.36 17.31
CA GLN B 511 -4.53 9.38 16.58
C GLN B 511 -5.14 10.77 16.76
N ALA B 512 -6.46 10.83 16.93
CA ALA B 512 -7.16 12.08 17.21
C ALA B 512 -6.75 12.65 18.57
N ASP B 513 -6.68 11.80 19.59
CA ASP B 513 -6.23 12.25 20.91
C ASP B 513 -4.77 12.66 20.90
N LEU B 514 -3.95 11.91 20.16
CA LEU B 514 -2.54 12.24 20.05
C LEU B 514 -2.38 13.60 19.38
N GLN B 515 -3.22 13.87 18.40
CA GLN B 515 -3.26 15.15 17.70
C GLN B 515 -3.61 16.26 18.70
N ALA B 516 -4.53 15.95 19.62
CA ALA B 516 -4.94 16.91 20.65
C ALA B 516 -3.82 17.23 21.64
N MET B 517 -3.17 16.19 22.17
CA MET B 517 -2.02 16.37 23.07
C MET B 517 -0.93 17.22 22.42
N ASP B 518 -0.78 17.09 21.11
CA ASP B 518 0.31 17.74 20.39
C ASP B 518 0.07 19.24 20.19
N ARG B 519 -1.09 19.72 20.61
CA ARG B 519 -1.33 21.16 20.62
C ARG B 519 -0.42 21.79 21.67
N ALA B 520 -0.15 21.05 22.74
CA ALA B 520 0.77 21.49 23.78
C ALA B 520 2.15 20.85 23.64
N HIS B 521 2.20 19.59 23.24
CA HIS B 521 3.47 18.88 23.10
C HIS B 521 4.06 19.06 21.70
N ARG B 522 4.72 20.20 21.50
CA ARG B 522 5.31 20.52 20.21
C ARG B 522 6.40 21.56 20.40
N ILE B 523 7.29 21.68 19.42
CA ILE B 523 8.40 22.62 19.49
C ILE B 523 7.96 24.01 19.92
N GLY B 524 8.59 24.52 20.97
CA GLY B 524 8.21 25.78 21.59
C GLY B 524 7.85 25.57 23.05
N GLN B 525 7.27 24.42 23.33
CA GLN B 525 6.95 24.00 24.69
C GLN B 525 8.24 23.88 25.52
N THR B 526 8.21 24.46 26.72
CA THR B 526 9.39 24.47 27.58
C THR B 526 9.26 23.53 28.78
N LYS B 527 8.03 23.21 29.14
CA LYS B 527 7.78 22.37 30.30
C LYS B 527 7.45 20.92 29.91
N GLN B 528 7.32 20.08 30.92
CA GLN B 528 6.97 18.67 30.71
C GLN B 528 5.45 18.53 30.57
N VAL B 529 5.01 18.15 29.38
CA VAL B 529 3.58 17.98 29.15
C VAL B 529 3.07 16.73 29.83
N VAL B 530 2.13 16.90 30.75
CA VAL B 530 1.50 15.77 31.42
C VAL B 530 0.08 15.62 30.92
N VAL B 531 -0.24 14.43 30.42
CA VAL B 531 -1.57 14.14 29.92
C VAL B 531 -2.31 13.20 30.87
N TYR B 532 -3.49 13.61 31.29
CA TYR B 532 -4.36 12.74 32.08
C TYR B 532 -5.54 12.28 31.23
N ARG B 533 -5.68 10.96 31.10
CA ARG B 533 -6.81 10.40 30.37
C ARG B 533 -7.80 9.78 31.35
N PHE B 534 -8.95 10.44 31.52
CA PHE B 534 -9.98 9.94 32.43
C PHE B 534 -10.61 8.66 31.91
N VAL B 535 -10.60 7.62 32.72
CA VAL B 535 -11.23 6.35 32.36
C VAL B 535 -12.19 5.90 33.47
N THR B 536 -13.45 5.71 33.14
CA THR B 536 -14.40 5.16 34.09
C THR B 536 -14.14 3.67 34.26
N ASP B 537 -13.54 3.31 35.40
CA ASP B 537 -13.15 1.92 35.67
C ASP B 537 -14.34 0.96 35.68
N ASN B 538 -14.12 -0.26 35.21
CA ASN B 538 -15.14 -1.30 35.20
C ASN B 538 -16.42 -0.94 34.47
N ALA B 539 -16.34 0.03 33.57
CA ALA B 539 -17.47 0.37 32.71
C ALA B 539 -17.00 0.30 31.26
N ILE B 540 -17.85 0.74 30.34
CA ILE B 540 -17.54 0.64 28.92
C ILE B 540 -16.20 1.28 28.53
N GLU B 541 -15.85 2.39 29.17
CA GLU B 541 -14.64 3.14 28.83
C GLU B 541 -13.34 2.36 29.06
N GLU B 542 -13.31 1.52 30.08
CA GLU B 542 -12.13 0.70 30.34
C GLU B 542 -11.95 -0.34 29.24
N LYS B 543 -13.05 -0.80 28.68
CA LYS B 543 -13.01 -1.74 27.56
C LYS B 543 -12.43 -1.06 26.32
N VAL B 544 -12.95 0.12 26.00
CA VAL B 544 -12.41 0.95 24.90
C VAL B 544 -10.92 1.16 25.11
N LEU B 545 -10.53 1.37 26.37
CA LEU B 545 -9.12 1.58 26.70
C LEU B 545 -8.25 0.39 26.30
N GLU B 546 -8.74 -0.82 26.54
CA GLU B 546 -7.99 -2.03 26.22
C GLU B 546 -7.86 -2.17 24.70
N ARG B 547 -8.96 -1.95 23.99
CA ARG B 547 -8.97 -2.00 22.53
C ARG B 547 -7.97 -1.00 21.94
N ALA B 548 -7.89 0.18 22.54
CA ALA B 548 -6.94 1.20 22.11
C ALA B 548 -5.50 0.70 22.24
N ALA B 549 -5.22 0.00 23.34
CA ALA B 549 -3.87 -0.52 23.55
C ALA B 549 -3.54 -1.67 22.60
N GLN B 550 -4.57 -2.44 22.25
CA GLN B 550 -4.42 -3.53 21.30
C GLN B 550 -4.11 -3.00 19.90
N LYS B 551 -4.89 -2.00 19.48
CA LYS B 551 -4.68 -1.37 18.18
C LYS B 551 -3.33 -0.67 18.08
N LEU B 552 -2.84 -0.17 19.21
CA LEU B 552 -1.54 0.49 19.25
C LEU B 552 -0.40 -0.51 19.04
N ARG B 553 -0.51 -1.66 19.67
CA ARG B 553 0.51 -2.71 19.51
C ARG B 553 0.48 -3.27 18.10
N LEU B 554 -0.72 -3.57 17.62
CA LEU B 554 -0.92 -4.02 16.24
C LEU B 554 -0.29 -3.02 15.29
N ASP B 555 -0.53 -1.73 15.56
CA ASP B 555 0.01 -0.67 14.74
C ASP B 555 1.54 -0.66 14.73
N GLN B 556 2.15 -0.94 15.88
CA GLN B 556 3.60 -0.98 15.95
C GLN B 556 4.19 -2.13 15.14
N LEU B 557 3.53 -3.29 15.19
CA LEU B 557 4.00 -4.45 14.47
C LEU B 557 4.02 -4.19 12.97
N VAL B 558 2.91 -3.66 12.44
CA VAL B 558 2.82 -3.38 11.01
C VAL B 558 3.85 -2.34 10.57
N ILE B 559 4.21 -1.42 11.46
CA ILE B 559 5.34 -0.54 11.19
C ILE B 559 6.63 -1.34 11.14
N GLN B 560 6.90 -2.09 12.21
CA GLN B 560 8.15 -2.85 12.34
C GLN B 560 8.26 -3.86 11.21
N GLN B 561 7.14 -4.48 10.85
CA GLN B 561 7.10 -5.45 9.78
C GLN B 561 7.37 -4.75 8.44
N GLY B 562 6.66 -3.66 8.19
CA GLY B 562 6.74 -2.94 6.93
C GLY B 562 8.14 -2.49 6.60
N ARG B 563 8.91 -2.11 7.61
CA ARG B 563 10.26 -1.63 7.40
C ARG B 563 11.15 -2.81 7.01
N ALA B 564 10.81 -3.99 7.53
CA ALA B 564 11.59 -5.19 7.26
C ALA B 564 11.28 -5.79 5.90
N GLN B 565 10.00 -5.75 5.51
CA GLN B 565 9.60 -6.22 4.19
C GLN B 565 10.33 -5.41 3.11
N VAL B 566 10.40 -4.09 3.31
CA VAL B 566 11.08 -3.19 2.38
C VAL B 566 12.52 -3.63 2.17
N ALA B 567 13.20 -3.97 3.26
CA ALA B 567 14.58 -4.43 3.20
C ALA B 567 14.67 -5.81 2.55
N ALA B 568 13.70 -6.67 2.82
CA ALA B 568 13.66 -8.01 2.24
C ALA B 568 13.42 -7.94 0.73
N LYS B 569 12.41 -7.16 0.34
CA LYS B 569 12.07 -6.98 -1.08
C LYS B 569 13.23 -6.42 -1.89
N ALA B 570 14.18 -5.79 -1.22
CA ALA B 570 15.26 -5.07 -1.91
C ALA B 570 16.38 -6.00 -2.32
N ALA B 571 17.23 -5.53 -3.23
CA ALA B 571 18.35 -6.32 -3.73
C ALA B 571 19.33 -6.58 -2.59
N ALA B 572 20.18 -7.58 -2.78
CA ALA B 572 21.10 -8.02 -1.73
C ALA B 572 22.01 -6.92 -1.21
N ASN B 573 22.33 -7.00 0.07
CA ASN B 573 23.32 -6.14 0.69
C ASN B 573 24.72 -6.60 0.32
N LYS B 574 25.69 -5.70 0.42
CA LYS B 574 27.09 -6.09 0.28
C LYS B 574 27.41 -7.07 1.39
N ASP B 575 26.82 -6.86 2.55
CA ASP B 575 26.98 -7.76 3.68
C ASP B 575 26.28 -9.09 3.42
N GLU B 576 25.12 -9.01 2.79
CA GLU B 576 24.37 -10.21 2.44
C GLU B 576 25.11 -11.02 1.36
N LEU B 577 25.61 -10.32 0.35
CA LEU B 577 26.37 -10.95 -0.71
C LEU B 577 27.59 -11.64 -0.13
N LEU B 578 28.29 -10.93 0.75
CA LEU B 578 29.52 -11.43 1.36
C LEU B 578 29.30 -12.70 2.16
N SER B 579 28.22 -12.73 2.94
CA SER B 579 27.90 -13.91 3.74
C SER B 579 27.51 -15.11 2.88
N MET B 580 27.01 -14.83 1.68
CA MET B 580 26.71 -15.88 0.71
C MET B 580 28.02 -16.47 0.19
N ILE B 581 28.95 -15.59 -0.18
CA ILE B 581 30.26 -15.98 -0.66
C ILE B 581 31.05 -16.77 0.38
N GLN B 582 30.97 -16.35 1.64
CA GLN B 582 31.79 -16.93 2.70
C GLN B 582 31.26 -18.25 3.21
N HIS B 583 29.98 -18.49 3.03
CA HIS B 583 29.35 -19.68 3.61
C HIS B 583 29.95 -20.95 3.04
N GLY B 584 30.74 -21.64 3.87
CA GLY B 584 31.34 -22.89 3.50
C GLY B 584 32.70 -22.70 2.85
N ALA B 585 33.10 -21.45 2.68
CA ALA B 585 34.38 -21.12 2.04
C ALA B 585 35.56 -21.81 2.73
N GLU B 586 35.50 -21.91 4.05
CA GLU B 586 36.56 -22.57 4.81
C GLU B 586 36.67 -24.04 4.44
N LYS B 587 35.55 -24.76 4.60
CA LYS B 587 35.53 -26.20 4.36
C LYS B 587 35.95 -26.56 2.94
N VAL B 588 35.68 -25.65 2.01
CA VAL B 588 36.05 -25.82 0.61
C VAL B 588 37.57 -25.73 0.44
N PHE B 589 38.17 -24.69 1.03
CA PHE B 589 39.61 -24.51 1.02
C PHE B 589 40.33 -25.68 1.68
N GLN B 590 39.73 -26.20 2.75
CA GLN B 590 40.29 -27.32 3.49
C GLN B 590 40.31 -28.58 2.63
N THR B 591 39.20 -28.81 1.92
CA THR B 591 39.05 -29.98 1.06
C THR B 591 40.07 -29.99 -0.09
N LYS B 592 40.69 -31.14 -0.29
CA LYS B 592 41.67 -31.31 -1.36
C LYS B 592 41.19 -32.33 -2.38
N GLY B 593 40.27 -33.20 -1.96
CA GLY B 593 39.66 -34.16 -2.87
C GLY B 593 38.32 -33.69 -3.39
N ALA B 594 37.25 -34.32 -2.91
CA ALA B 594 35.90 -33.93 -3.30
C ALA B 594 35.04 -33.67 -2.07
N PHE B 595 33.93 -32.96 -2.26
CA PHE B 595 33.05 -32.60 -1.16
C PHE B 595 32.26 -33.81 -0.64
N GLY B 596 31.62 -33.64 0.52
CA GLY B 596 31.02 -34.73 1.28
C GLY B 596 30.27 -35.83 0.54
N THR B 597 29.22 -35.44 -0.18
CA THR B 597 28.37 -36.39 -0.89
C THR B 597 29.12 -37.08 -2.04
N MET B 598 29.96 -36.32 -2.75
CA MET B 598 30.70 -36.84 -3.88
C MET B 598 31.91 -37.67 -3.45
N ALA B 599 32.44 -37.38 -2.27
CA ALA B 599 33.61 -38.08 -1.76
C ALA B 599 33.25 -39.42 -1.13
N GLU B 600 32.00 -39.56 -0.72
CA GLU B 600 31.55 -40.78 -0.05
C GLU B 600 31.67 -42.01 -0.95
N LYS B 601 31.55 -41.79 -2.26
CA LYS B 601 31.70 -42.87 -3.24
C LYS B 601 32.21 -42.35 -4.58
N GLY B 602 31.34 -41.74 -5.37
CA GLY B 602 31.75 -41.12 -6.62
C GLY B 602 30.93 -41.50 -7.82
N SER B 603 31.06 -42.75 -8.28
CA SER B 603 30.34 -43.21 -9.45
C SER B 603 28.87 -43.47 -9.13
N GLN B 604 28.12 -43.94 -10.12
CA GLN B 604 26.70 -44.23 -9.94
C GLN B 604 26.51 -45.42 -9.00
N LEU B 605 26.54 -45.16 -7.71
CA LEU B 605 26.48 -46.23 -6.71
C LEU B 605 25.07 -46.59 -6.26
N ASP B 606 24.98 -47.21 -5.09
CA ASP B 606 23.74 -47.77 -4.56
C ASP B 606 22.54 -46.85 -4.63
N ASP B 607 21.38 -47.40 -4.94
CA ASP B 607 20.14 -46.66 -4.85
C ASP B 607 19.74 -46.47 -3.39
N ASP B 608 20.39 -47.23 -2.51
CA ASP B 608 20.20 -47.07 -1.07
C ASP B 608 20.85 -45.77 -0.61
N ASP B 609 21.85 -45.32 -1.36
CA ASP B 609 22.45 -44.03 -1.12
C ASP B 609 21.47 -42.94 -1.55
N ILE B 610 20.76 -43.21 -2.65
CA ILE B 610 19.77 -42.28 -3.16
C ILE B 610 18.55 -42.21 -2.24
N ASP B 611 18.09 -43.35 -1.76
CA ASP B 611 17.00 -43.40 -0.80
C ASP B 611 17.39 -42.73 0.52
N ALA B 612 18.68 -42.70 0.80
CA ALA B 612 19.18 -42.04 2.01
C ALA B 612 19.26 -40.53 1.80
N ILE B 613 19.78 -40.14 0.64
CA ILE B 613 19.89 -38.73 0.28
C ILE B 613 18.51 -38.08 0.23
N LEU B 614 17.55 -38.77 -0.38
CA LEU B 614 16.17 -38.28 -0.44
C LEU B 614 15.52 -38.23 0.94
N GLN B 615 15.87 -39.18 1.80
CA GLN B 615 15.35 -39.20 3.16
C GLN B 615 15.98 -38.09 4.00
N ALA B 616 17.29 -37.90 3.83
CA ALA B 616 18.00 -36.84 4.52
C ALA B 616 17.52 -35.47 4.06
N GLY B 617 17.27 -35.36 2.76
CA GLY B 617 16.78 -34.13 2.18
C GLY B 617 15.41 -33.77 2.69
N GLU B 618 14.52 -34.77 2.73
CA GLU B 618 13.16 -34.55 3.22
C GLU B 618 13.16 -34.17 4.70
N THR B 619 14.10 -34.73 5.45
CA THR B 619 14.21 -34.45 6.88
C THR B 619 14.78 -33.06 7.16
N ARG B 620 15.84 -32.70 6.45
CA ARG B 620 16.39 -31.36 6.57
C ARG B 620 15.37 -30.31 6.13
N THR B 621 14.58 -30.65 5.13
CA THR B 621 13.56 -29.75 4.60
C THR B 621 12.48 -29.44 5.63
N LYS B 622 11.95 -30.50 6.25
CA LYS B 622 10.97 -30.32 7.33
C LYS B 622 11.56 -29.50 8.48
N GLU B 623 12.84 -29.69 8.72
CA GLU B 623 13.54 -29.00 9.80
C GLU B 623 13.74 -27.52 9.51
N LEU B 624 14.13 -27.20 8.28
CA LEU B 624 14.36 -25.82 7.89
C LEU B 624 13.05 -25.02 7.89
N ASN B 625 11.97 -25.67 7.49
CA ASN B 625 10.66 -25.03 7.54
C ASN B 625 10.22 -24.80 8.97
N ALA B 626 10.26 -25.86 9.78
CA ALA B 626 9.83 -25.80 11.18
C ALA B 626 10.56 -24.74 12.00
N ARG B 627 11.83 -24.49 11.65
CA ARG B 627 12.66 -23.53 12.36
C ARG B 627 12.07 -22.12 12.32
N TYR B 628 11.54 -21.74 11.17
CA TYR B 628 11.05 -20.39 10.96
C TYR B 628 9.54 -20.24 11.04
N GLU B 629 8.80 -21.30 10.71
CA GLU B 629 7.34 -21.26 10.72
C GLU B 629 6.77 -20.91 12.09
N LYS B 630 7.55 -21.17 13.14
CA LYS B 630 7.13 -20.91 14.51
C LYS B 630 7.41 -19.47 14.93
N LEU B 631 8.44 -18.86 14.35
CA LEU B 631 8.93 -17.57 14.82
C LEU B 631 8.06 -16.37 14.52
N GLY B 632 8.29 -15.29 15.26
CA GLY B 632 7.71 -13.99 15.00
C GLY B 632 8.87 -13.05 14.73
N ILE B 633 8.59 -11.84 14.27
CA ILE B 633 9.62 -10.93 13.78
C ILE B 633 10.81 -10.70 14.72
N ASP B 634 10.52 -10.62 16.02
CA ASP B 634 11.58 -10.34 16.99
C ASP B 634 12.53 -11.54 17.16
N ASP B 635 11.96 -12.73 17.25
CA ASP B 635 12.76 -13.95 17.22
C ASP B 635 13.28 -14.21 15.81
N LEU B 636 12.66 -13.58 14.82
CA LEU B 636 13.09 -13.71 13.43
C LEU B 636 14.27 -12.80 13.12
N GLN B 637 14.38 -11.68 13.83
CA GLN B 637 15.48 -10.73 13.59
C GLN B 637 16.84 -11.33 13.95
N LYS B 638 16.83 -12.34 14.82
CA LYS B 638 18.06 -13.03 15.18
C LYS B 638 18.57 -13.84 13.99
N PHE B 639 17.64 -14.24 13.12
CA PHE B 639 17.94 -14.96 11.88
C PHE B 639 18.95 -16.09 12.04
CL CL C . -18.68 -16.10 -12.36
CL CL D . 15.80 22.31 3.89
#